data_8TBI
#
_entry.id   8TBI
#
_cell.length_a   65.490
_cell.length_b   84.270
_cell.length_c   126.040
_cell.angle_alpha   90.000
_cell.angle_beta   90.000
_cell.angle_gamma   90.000
#
_symmetry.space_group_name_H-M   'P 21 21 21'
#
loop_
_entity.id
_entity.type
_entity.pdbx_description
1 polymer 'GTPase NRas'
2 polymer 'Peptidyl-prolyl cis-trans isomerase A'
3 non-polymer 'PHOSPHOAMINOPHOSPHONIC ACID-GUANYLATE ESTER'
4 non-polymer 'MAGNESIUM ION'
5 non-polymer (1R,5S,6r)-N-[(1P,7S,9S,13S,20M)-20-{5-(4-cyclopropylpiperazin-1-yl)-2-[(1S)-1-methoxyethyl]pyridin-3-yl}-21-ethyl-17,17-dimethyl-8,14-dioxo-15-oxa-4-thia-9,21,27,28-tetraazapentacyclo[17.5.2.1~2,5~.1~9,13~.0~22,26~]octacosa-1(24),2,5(28),19,22,25-hexaen-7-yl]-3-oxabicyclo[3.1.0]hexane-6-carboxamide
6 water water
#
loop_
_entity_poly.entity_id
_entity_poly.type
_entity_poly.pdbx_seq_one_letter_code
_entity_poly.pdbx_strand_id
1 'polypeptide(L)'
;SMTEYKLVVVGAGGVGKSALTIQLIQNHFVDEYDPTIEDSYRKQVVIDGETCLLDILDTAGQEEYSAMRDQYMRTGEGFL
CVFAINNSKSFADINLYREQIKRVKDSDDVPMVLVGNKCDLPTRTVDTKQAHELAKSYGIPFIETSAKTRQGVEDAFYTL
VREIRQYRMKKLN
;
A,B
2 'polypeptide(L)'
;SMVNPTVFFDIAVDGEPLGRVSFELFADKVPKTAENFRALSTGEKGFGYKGSCFHRIIPGFMCQGGDFTRHNGTGGKSIY
GEKFEDENFILKHTGPGILSMANAGPNTNGSQFFICTAKTEWLDGKHVVFGKVKEGMNIVEAMERFGSRNGKTSKKITIA
DCGQLE
;
C,D
#
# COMPACT_ATOMS: atom_id res chain seq x y z
N SER A 1 -11.65 -13.03 -16.89
CA SER A 1 -11.03 -13.06 -15.56
C SER A 1 -12.12 -13.19 -14.49
N MET A 2 -11.77 -13.73 -13.32
CA MET A 2 -12.76 -14.00 -12.26
C MET A 2 -13.37 -12.68 -11.81
N THR A 3 -14.60 -12.76 -11.40
CA THR A 3 -15.35 -11.60 -10.93
C THR A 3 -14.69 -11.12 -9.63
N GLU A 4 -14.61 -9.82 -9.49
CA GLU A 4 -14.11 -9.17 -8.27
C GLU A 4 -15.30 -8.69 -7.46
N TYR A 5 -15.15 -8.71 -6.16
CA TYR A 5 -16.16 -8.13 -5.24
C TYR A 5 -15.42 -7.22 -4.27
N LYS A 6 -15.90 -5.99 -4.17
CA LYS A 6 -15.36 -4.99 -3.23
C LYS A 6 -16.14 -5.04 -1.91
N LEU A 7 -15.56 -5.70 -0.92
CA LEU A 7 -16.19 -5.89 0.40
C LEU A 7 -15.56 -4.88 1.37
N VAL A 8 -16.41 -4.33 2.25
CA VAL A 8 -15.98 -3.31 3.24
C VAL A 8 -16.44 -3.77 4.60
N VAL A 9 -15.52 -3.82 5.56
CA VAL A 9 -15.81 -4.29 6.94
C VAL A 9 -15.92 -3.05 7.81
N VAL A 10 -17.09 -2.83 8.40
CA VAL A 10 -17.33 -1.59 9.21
C VAL A 10 -17.89 -1.99 10.57
N GLY A 11 -17.78 -1.07 11.53
CA GLY A 11 -18.27 -1.22 12.89
C GLY A 11 -17.40 -0.49 13.86
N ALA A 12 -17.87 -0.36 15.10
CA ALA A 12 -17.17 0.32 16.19
C ALA A 12 -15.78 -0.25 16.46
N GLY A 13 -14.94 0.56 17.11
CA GLY A 13 -13.59 0.20 17.52
C GLY A 13 -13.61 -1.09 18.31
N GLY A 14 -12.75 -2.03 17.97
CA GLY A 14 -12.42 -3.19 18.82
C GLY A 14 -13.39 -4.34 18.68
N VAL A 15 -14.34 -4.28 17.75
CA VAL A 15 -15.39 -5.34 17.65
C VAL A 15 -14.78 -6.59 16.99
N GLY A 16 -13.70 -6.40 16.25
CA GLY A 16 -12.91 -7.51 15.68
C GLY A 16 -12.97 -7.52 14.16
N LYS A 17 -13.10 -6.35 13.53
CA LYS A 17 -13.13 -6.24 12.04
C LYS A 17 -11.83 -6.82 11.50
N SER A 18 -10.71 -6.39 12.06
CA SER A 18 -9.37 -6.78 11.59
C SER A 18 -9.16 -8.26 11.91
N ALA A 19 -9.53 -8.71 13.11
CA ALA A 19 -9.35 -10.14 13.49
C ALA A 19 -10.16 -11.02 12.53
N LEU A 20 -11.37 -10.60 12.16
CA LEU A 20 -12.19 -11.38 11.19
C LEU A 20 -11.50 -11.43 9.84
N THR A 21 -11.07 -10.27 9.34
CA THR A 21 -10.48 -10.16 8.00
C THR A 21 -9.18 -10.98 7.95
N ILE A 22 -8.36 -10.88 8.99
N ILE A 22 -8.36 -10.89 8.98
CA ILE A 22 -7.04 -11.57 9.05
CA ILE A 22 -7.04 -11.58 9.00
C ILE A 22 -7.26 -13.08 9.19
C ILE A 22 -7.25 -13.09 9.19
N GLN A 23 -8.28 -13.51 9.94
CA GLN A 23 -8.63 -14.94 10.01
C GLN A 23 -8.90 -15.40 8.57
N LEU A 24 -9.68 -14.63 7.82
CA LEU A 24 -10.08 -15.05 6.45
C LEU A 24 -8.85 -15.12 5.55
N ILE A 25 -8.05 -14.06 5.57
CA ILE A 25 -6.93 -13.88 4.58
C ILE A 25 -5.74 -14.75 4.98
N GLN A 26 -5.40 -14.77 6.28
CA GLN A 26 -4.08 -15.29 6.75
C GLN A 26 -4.23 -16.48 7.70
N ASN A 27 -5.45 -16.83 8.10
CA ASN A 27 -5.74 -18.06 8.87
C ASN A 27 -4.99 -18.02 10.20
N HIS A 28 -4.90 -16.85 10.84
CA HIS A 28 -4.42 -16.76 12.25
C HIS A 28 -5.22 -15.67 12.98
N PHE A 29 -5.26 -15.76 14.31
CA PHE A 29 -5.98 -14.83 15.19
C PHE A 29 -4.96 -13.82 15.72
N VAL A 30 -5.23 -12.53 15.49
CA VAL A 30 -4.46 -11.40 16.09
C VAL A 30 -5.02 -11.14 17.49
N ASP A 31 -4.24 -11.51 18.51
CA ASP A 31 -4.64 -11.38 19.92
C ASP A 31 -4.34 -9.95 20.38
N GLU A 32 -3.34 -9.30 19.78
CA GLU A 32 -2.96 -7.91 20.15
C GLU A 32 -3.96 -6.92 19.55
N TYR A 33 -4.01 -5.72 20.12
CA TYR A 33 -4.94 -4.63 19.69
C TYR A 33 -4.14 -3.57 18.93
N ASP A 34 -4.29 -3.61 17.61
CA ASP A 34 -3.62 -2.71 16.65
C ASP A 34 -4.73 -1.94 15.93
N PRO A 35 -5.26 -0.85 16.53
CA PRO A 35 -6.39 -0.15 15.93
C PRO A 35 -6.03 0.25 14.51
N THR A 36 -6.98 0.06 13.62
CA THR A 36 -6.76 0.22 12.17
C THR A 36 -6.80 1.69 11.76
N ILE A 37 -5.99 2.06 10.79
CA ILE A 37 -6.18 3.32 10.01
C ILE A 37 -7.03 2.97 8.80
N GLU A 38 -6.46 2.12 7.96
CA GLU A 38 -7.23 1.53 6.83
C GLU A 38 -6.35 0.50 6.16
N ASP A 39 -6.87 -0.70 5.93
CA ASP A 39 -6.05 -1.75 5.27
C ASP A 39 -6.90 -2.37 4.19
N SER A 40 -6.26 -2.84 3.12
N SER A 40 -6.27 -2.88 3.15
CA SER A 40 -6.92 -3.56 2.00
CA SER A 40 -6.99 -3.61 2.08
C SER A 40 -6.27 -4.94 1.85
C SER A 40 -6.27 -4.93 1.82
N TYR A 41 -7.03 -5.95 1.45
CA TYR A 41 -6.52 -7.31 1.21
C TYR A 41 -7.21 -7.86 -0.03
N ARG A 42 -6.53 -8.79 -0.67
CA ARG A 42 -7.05 -9.48 -1.87
C ARG A 42 -6.95 -10.97 -1.59
N LYS A 43 -7.96 -11.72 -2.00
CA LYS A 43 -7.96 -13.18 -1.87
C LYS A 43 -8.89 -13.79 -2.91
N GLN A 44 -8.42 -14.82 -3.59
CA GLN A 44 -9.29 -15.55 -4.53
C GLN A 44 -9.90 -16.70 -3.75
N VAL A 45 -11.17 -16.98 -3.98
CA VAL A 45 -11.88 -18.07 -3.27
C VAL A 45 -12.84 -18.70 -4.28
N VAL A 46 -13.40 -19.84 -3.93
CA VAL A 46 -14.51 -20.46 -4.70
C VAL A 46 -15.71 -20.47 -3.79
N ILE A 47 -16.77 -19.85 -4.25
CA ILE A 47 -18.07 -19.83 -3.54
C ILE A 47 -19.10 -20.45 -4.48
N ASP A 48 -19.72 -21.56 -4.05
CA ASP A 48 -20.81 -22.17 -4.85
C ASP A 48 -20.26 -22.49 -6.25
N GLY A 49 -19.04 -22.99 -6.29
CA GLY A 49 -18.34 -23.47 -7.50
C GLY A 49 -17.95 -22.38 -8.47
N GLU A 50 -18.07 -21.09 -8.13
CA GLU A 50 -17.61 -19.96 -8.99
C GLU A 50 -16.45 -19.24 -8.26
N THR A 51 -15.27 -19.26 -8.88
N THR A 51 -15.27 -19.24 -8.88
CA THR A 51 -14.05 -18.56 -8.40
CA THR A 51 -14.05 -18.58 -8.33
C THR A 51 -14.34 -17.06 -8.38
C THR A 51 -14.27 -17.07 -8.40
N CYS A 52 -13.87 -16.33 -7.38
CA CYS A 52 -13.99 -14.88 -7.38
C CYS A 52 -12.87 -14.26 -6.54
N LEU A 53 -12.62 -13.03 -6.84
CA LEU A 53 -11.53 -12.24 -6.20
C LEU A 53 -12.18 -11.31 -5.19
N LEU A 54 -11.89 -11.51 -3.90
CA LEU A 54 -12.39 -10.61 -2.83
C LEU A 54 -11.38 -9.48 -2.67
N ASP A 55 -11.83 -8.25 -2.85
CA ASP A 55 -11.08 -7.06 -2.43
C ASP A 55 -11.69 -6.62 -1.11
N ILE A 56 -10.97 -6.68 0.00
CA ILE A 56 -11.58 -6.41 1.32
C ILE A 56 -10.98 -5.15 1.92
N LEU A 57 -11.82 -4.18 2.24
CA LEU A 57 -11.38 -2.94 2.91
C LEU A 57 -11.71 -3.08 4.39
N ASP A 58 -10.68 -3.09 5.21
CA ASP A 58 -10.77 -3.13 6.69
C ASP A 58 -10.66 -1.69 7.15
N THR A 59 -11.74 -1.16 7.74
CA THR A 59 -11.86 0.28 8.06
C THR A 59 -11.58 0.51 9.55
N ALA A 60 -11.39 1.77 9.90
CA ALA A 60 -11.16 2.22 11.29
C ALA A 60 -12.49 2.29 12.04
N GLY A 61 -12.48 1.87 13.29
CA GLY A 61 -13.64 2.06 14.18
C GLY A 61 -13.42 3.26 15.08
N GLN A 62 -12.87 4.36 14.57
CA GLN A 62 -12.69 5.63 15.33
C GLN A 62 -13.89 6.54 15.13
N GLU A 63 -14.62 6.85 16.21
CA GLU A 63 -15.88 7.63 16.09
C GLU A 63 -15.54 9.06 15.65
N GLU A 64 -14.32 9.55 15.91
CA GLU A 64 -13.88 10.94 15.60
C GLU A 64 -13.96 11.20 14.10
N TYR A 65 -13.90 10.16 13.25
CA TYR A 65 -13.74 10.37 11.79
C TYR A 65 -14.96 9.82 11.06
N SER A 66 -16.14 9.83 11.70
CA SER A 66 -17.35 9.19 11.12
C SER A 66 -17.66 9.86 9.77
N ALA A 67 -17.25 11.11 9.59
CA ALA A 67 -17.44 11.88 8.34
C ALA A 67 -16.52 11.40 7.21
N MET A 68 -15.42 10.73 7.53
CA MET A 68 -14.41 10.29 6.53
C MET A 68 -14.88 8.98 5.85
N ARG A 69 -15.96 8.38 6.32
CA ARG A 69 -16.37 7.02 5.85
C ARG A 69 -17.10 7.11 4.51
N ASP A 70 -17.65 8.28 4.15
CA ASP A 70 -18.50 8.42 2.95
C ASP A 70 -17.78 7.87 1.73
N GLN A 71 -16.53 8.27 1.51
CA GLN A 71 -15.83 7.97 0.23
C GLN A 71 -15.74 6.45 0.04
N TYR A 72 -15.44 5.69 1.11
CA TYR A 72 -15.26 4.22 0.96
C TYR A 72 -16.64 3.57 0.91
N MET A 73 -17.65 4.19 1.49
CA MET A 73 -19.02 3.64 1.37
C MET A 73 -19.49 3.80 -0.08
N ARG A 74 -19.07 4.83 -0.80
CA ARG A 74 -19.50 5.03 -2.20
C ARG A 74 -18.93 3.92 -3.09
N THR A 75 -17.69 3.53 -2.85
CA THR A 75 -16.92 2.60 -3.72
C THR A 75 -17.22 1.14 -3.33
N GLY A 76 -17.53 0.83 -2.08
CA GLY A 76 -17.80 -0.52 -1.60
C GLY A 76 -19.05 -1.09 -2.27
N GLU A 77 -19.05 -2.39 -2.57
CA GLU A 77 -20.18 -3.12 -3.21
C GLU A 77 -21.01 -3.85 -2.16
N GLY A 78 -20.41 -4.22 -1.03
CA GLY A 78 -21.08 -4.96 0.04
C GLY A 78 -20.42 -4.68 1.36
N PHE A 79 -21.17 -4.75 2.46
CA PHE A 79 -20.68 -4.32 3.77
C PHE A 79 -20.90 -5.40 4.79
N LEU A 80 -19.87 -5.69 5.55
CA LEU A 80 -19.99 -6.49 6.78
C LEU A 80 -20.16 -5.45 7.87
N CYS A 81 -21.32 -5.43 8.53
CA CYS A 81 -21.57 -4.55 9.68
C CYS A 81 -21.35 -5.38 10.95
N VAL A 82 -20.28 -5.12 11.68
CA VAL A 82 -19.77 -5.97 12.77
C VAL A 82 -20.04 -5.29 14.11
N PHE A 83 -20.58 -6.03 15.09
CA PHE A 83 -20.61 -5.63 16.51
C PHE A 83 -20.00 -6.78 17.30
N ALA A 84 -19.70 -6.54 18.57
CA ALA A 84 -19.20 -7.59 19.48
C ALA A 84 -20.32 -7.90 20.47
N ILE A 85 -20.52 -9.19 20.76
CA ILE A 85 -21.69 -9.69 21.54
C ILE A 85 -21.55 -9.26 23.01
N ASN A 86 -20.35 -8.83 23.41
CA ASN A 86 -20.05 -8.34 24.79
C ASN A 86 -19.92 -6.81 24.80
N ASN A 87 -20.43 -6.10 23.78
CA ASN A 87 -20.34 -4.63 23.64
C ASN A 87 -21.67 -4.11 23.08
N SER A 88 -22.64 -3.86 23.95
CA SER A 88 -23.99 -3.39 23.55
C SER A 88 -23.89 -2.03 22.86
N LYS A 89 -22.91 -1.19 23.19
CA LYS A 89 -22.70 0.11 22.48
C LYS A 89 -22.41 -0.16 21.00
N SER A 90 -21.49 -1.09 20.73
CA SER A 90 -21.12 -1.47 19.33
C SER A 90 -22.38 -1.95 18.61
N PHE A 91 -23.32 -2.60 19.30
CA PHE A 91 -24.58 -3.08 18.67
C PHE A 91 -25.50 -1.89 18.37
N ALA A 92 -25.55 -0.90 19.26
CA ALA A 92 -26.29 0.37 19.04
C ALA A 92 -25.71 1.07 17.81
N ASP A 93 -24.38 1.03 17.68
CA ASP A 93 -23.66 1.72 16.59
C ASP A 93 -24.03 1.11 15.24
N ILE A 94 -24.53 -0.13 15.19
CA ILE A 94 -24.89 -0.78 13.90
C ILE A 94 -25.88 0.09 13.12
N ASN A 95 -26.96 0.54 13.79
CA ASN A 95 -27.97 1.45 13.21
C ASN A 95 -27.28 2.58 12.45
N LEU A 96 -26.31 3.24 13.09
CA LEU A 96 -25.66 4.46 12.54
C LEU A 96 -24.91 4.10 11.25
N TYR A 97 -24.16 3.01 11.28
CA TYR A 97 -23.42 2.52 10.08
C TYR A 97 -24.43 2.24 8.98
N ARG A 98 -25.49 1.49 9.31
CA ARG A 98 -26.50 1.10 8.30
C ARG A 98 -27.07 2.35 7.66
N GLU A 99 -27.42 3.35 8.48
CA GLU A 99 -28.11 4.58 8.01
C GLU A 99 -27.11 5.40 7.17
N GLN A 100 -25.83 5.39 7.55
CA GLN A 100 -24.80 6.16 6.81
C GLN A 100 -24.59 5.52 5.44
N ILE A 101 -24.52 4.19 5.37
CA ILE A 101 -24.34 3.49 4.06
C ILE A 101 -25.55 3.78 3.18
N LYS A 102 -26.75 3.67 3.74
CA LYS A 102 -27.99 3.85 2.97
C LYS A 102 -27.98 5.29 2.44
N ARG A 103 -27.64 6.27 3.31
CA ARG A 103 -27.66 7.71 2.94
C ARG A 103 -26.65 7.96 1.82
N VAL A 104 -25.39 7.52 2.02
CA VAL A 104 -24.28 7.77 1.06
C VAL A 104 -24.57 7.08 -0.28
N LYS A 105 -25.10 5.86 -0.30
CA LYS A 105 -25.41 5.13 -1.55
C LYS A 105 -26.76 5.56 -2.10
N ASP A 106 -27.56 6.31 -1.35
CA ASP A 106 -28.94 6.72 -1.75
C ASP A 106 -29.74 5.48 -2.17
N SER A 107 -29.72 4.43 -1.36
CA SER A 107 -30.39 3.15 -1.69
C SER A 107 -30.72 2.39 -0.42
N ASP A 108 -31.85 1.69 -0.47
CA ASP A 108 -32.42 0.81 0.57
C ASP A 108 -31.81 -0.58 0.36
N ASP A 109 -31.13 -0.77 -0.76
CA ASP A 109 -30.94 -2.07 -1.44
C ASP A 109 -29.45 -2.43 -1.50
N VAL A 110 -28.68 -2.12 -0.46
CA VAL A 110 -27.19 -2.33 -0.50
C VAL A 110 -26.86 -3.68 0.11
N PRO A 111 -26.07 -4.54 -0.56
CA PRO A 111 -25.68 -5.81 0.03
C PRO A 111 -24.96 -5.64 1.36
N MET A 112 -25.43 -6.35 2.38
CA MET A 112 -24.98 -6.10 3.75
C MET A 112 -25.23 -7.38 4.54
N VAL A 113 -24.36 -7.66 5.48
CA VAL A 113 -24.52 -8.77 6.44
C VAL A 113 -24.23 -8.20 7.81
N LEU A 114 -25.10 -8.53 8.76
CA LEU A 114 -24.88 -8.18 10.17
C LEU A 114 -24.05 -9.28 10.78
N VAL A 115 -22.94 -8.91 11.44
CA VAL A 115 -22.02 -9.90 12.03
C VAL A 115 -21.97 -9.67 13.55
N GLY A 116 -22.33 -10.68 14.32
CA GLY A 116 -22.12 -10.66 15.78
C GLY A 116 -20.86 -11.43 16.13
N ASN A 117 -19.78 -10.72 16.45
CA ASN A 117 -18.43 -11.30 16.66
C ASN A 117 -18.09 -11.51 18.15
N LYS A 118 -17.04 -12.31 18.40
CA LYS A 118 -16.53 -12.70 19.75
C LYS A 118 -17.46 -13.73 20.43
N CYS A 119 -18.13 -14.59 19.67
CA CYS A 119 -19.11 -15.56 20.21
C CYS A 119 -18.40 -16.66 21.00
N ASP A 120 -17.06 -16.69 21.00
CA ASP A 120 -16.27 -17.57 21.88
C ASP A 120 -16.34 -17.10 23.35
N LEU A 121 -16.71 -15.85 23.60
CA LEU A 121 -16.62 -15.27 24.97
C LEU A 121 -17.72 -15.85 25.85
N PRO A 122 -17.45 -16.00 27.16
CA PRO A 122 -18.37 -16.73 28.02
C PRO A 122 -19.64 -15.90 28.24
N THR A 123 -19.50 -14.57 28.31
CA THR A 123 -20.61 -13.65 28.64
C THR A 123 -20.91 -12.74 27.45
N ARG A 124 -22.19 -12.65 27.12
CA ARG A 124 -22.74 -11.74 26.10
C ARG A 124 -23.53 -10.64 26.82
N THR A 125 -23.56 -9.45 26.27
CA THR A 125 -24.42 -8.34 26.76
C THR A 125 -25.47 -8.04 25.71
N VAL A 126 -25.34 -8.59 24.50
CA VAL A 126 -26.32 -8.39 23.39
C VAL A 126 -27.12 -9.69 23.21
N ASP A 127 -28.45 -9.59 23.10
CA ASP A 127 -29.35 -10.76 22.93
C ASP A 127 -29.34 -11.18 21.46
N THR A 128 -28.91 -12.41 21.16
CA THR A 128 -28.91 -12.95 19.78
C THR A 128 -30.25 -12.61 19.13
N LYS A 129 -31.33 -12.70 19.91
CA LYS A 129 -32.72 -12.40 19.46
C LYS A 129 -32.81 -10.97 18.88
N GLN A 130 -32.20 -9.98 19.56
CA GLN A 130 -32.22 -8.54 19.13
C GLN A 130 -31.52 -8.39 17.78
N ALA A 131 -30.36 -9.04 17.61
CA ALA A 131 -29.57 -8.99 16.36
C ALA A 131 -30.37 -9.64 15.24
N HIS A 132 -30.97 -10.81 15.51
CA HIS A 132 -31.86 -11.48 14.52
C HIS A 132 -32.94 -10.49 14.06
N GLU A 133 -33.58 -9.77 14.97
CA GLU A 133 -34.74 -8.90 14.62
C GLU A 133 -34.23 -7.73 13.77
N LEU A 134 -33.16 -7.09 14.23
CA LEU A 134 -32.54 -5.94 13.54
C LEU A 134 -32.21 -6.34 12.10
N ALA A 135 -31.56 -7.50 11.90
CA ALA A 135 -31.22 -8.01 10.55
C ALA A 135 -32.50 -8.18 9.73
N LYS A 136 -33.52 -8.81 10.33
CA LYS A 136 -34.85 -9.00 9.72
C LYS A 136 -35.40 -7.61 9.33
N SER A 137 -35.36 -6.63 10.24
CA SER A 137 -35.84 -5.26 9.96
C SER A 137 -35.15 -4.69 8.72
N TYR A 138 -33.85 -4.98 8.51
CA TYR A 138 -33.03 -4.46 7.37
C TYR A 138 -33.13 -5.34 6.12
N GLY A 139 -33.64 -6.56 6.27
CA GLY A 139 -33.72 -7.52 5.17
C GLY A 139 -32.36 -8.13 4.84
N ILE A 140 -31.48 -8.28 5.82
CA ILE A 140 -30.11 -8.83 5.55
C ILE A 140 -29.89 -10.04 6.45
N PRO A 141 -28.96 -10.95 6.09
CA PRO A 141 -28.55 -12.03 6.99
C PRO A 141 -27.89 -11.53 8.27
N PHE A 142 -27.92 -12.37 9.30
CA PHE A 142 -27.18 -12.23 10.57
C PHE A 142 -26.35 -13.49 10.78
N ILE A 143 -25.04 -13.30 10.93
CA ILE A 143 -24.09 -14.41 11.13
C ILE A 143 -23.37 -14.15 12.44
N GLU A 144 -23.30 -15.16 13.31
CA GLU A 144 -22.50 -15.12 14.54
C GLU A 144 -21.11 -15.59 14.19
N THR A 145 -20.08 -14.93 14.72
CA THR A 145 -18.68 -15.29 14.39
C THR A 145 -17.85 -15.32 15.66
N SER A 146 -16.73 -16.05 15.59
CA SER A 146 -15.56 -15.85 16.47
C SER A 146 -14.32 -15.76 15.60
N ALA A 147 -13.72 -14.59 15.49
CA ALA A 147 -12.41 -14.46 14.85
C ALA A 147 -11.39 -15.33 15.62
N LYS A 148 -11.56 -15.54 16.93
CA LYS A 148 -10.61 -16.36 17.72
C LYS A 148 -10.63 -17.83 17.25
N THR A 149 -11.81 -18.45 17.17
CA THR A 149 -11.98 -19.89 16.85
C THR A 149 -12.17 -20.11 15.34
N ARG A 150 -12.35 -19.04 14.57
CA ARG A 150 -12.69 -19.04 13.13
C ARG A 150 -14.15 -19.43 12.88
N GLN A 151 -14.95 -19.62 13.92
CA GLN A 151 -16.39 -19.98 13.79
C GLN A 151 -17.11 -18.90 12.96
N GLY A 152 -17.77 -19.29 11.88
CA GLY A 152 -18.64 -18.39 11.09
C GLY A 152 -17.87 -17.41 10.21
N VAL A 153 -16.54 -17.41 10.24
CA VAL A 153 -15.76 -16.35 9.51
C VAL A 153 -16.01 -16.49 8.01
N GLU A 154 -15.72 -17.65 7.44
CA GLU A 154 -15.95 -17.87 6.00
C GLU A 154 -17.42 -17.63 5.71
N ASP A 155 -18.29 -18.12 6.60
CA ASP A 155 -19.75 -17.96 6.38
C ASP A 155 -20.09 -16.47 6.25
N ALA A 156 -19.54 -15.60 7.11
CA ALA A 156 -19.86 -14.16 7.09
C ALA A 156 -19.49 -13.55 5.73
N PHE A 157 -18.24 -13.74 5.32
CA PHE A 157 -17.77 -13.13 4.06
C PHE A 157 -18.47 -13.74 2.83
N TYR A 158 -18.63 -15.07 2.79
CA TYR A 158 -19.18 -15.78 1.61
C TYR A 158 -20.69 -15.42 1.48
N THR A 159 -21.37 -15.33 2.61
CA THR A 159 -22.78 -14.87 2.66
C THR A 159 -22.85 -13.45 2.07
N LEU A 160 -21.91 -12.57 2.39
CA LEU A 160 -21.94 -11.22 1.77
C LEU A 160 -21.72 -11.33 0.26
N VAL A 161 -20.82 -12.17 -0.21
CA VAL A 161 -20.63 -12.35 -1.67
C VAL A 161 -21.94 -12.82 -2.30
N ARG A 162 -22.62 -13.77 -1.67
CA ARG A 162 -23.89 -14.31 -2.21
C ARG A 162 -24.90 -13.16 -2.27
N GLU A 163 -24.94 -12.29 -1.26
CA GLU A 163 -25.84 -11.11 -1.24
C GLU A 163 -25.51 -10.20 -2.43
N ILE A 164 -24.23 -9.95 -2.73
CA ILE A 164 -23.86 -9.08 -3.89
C ILE A 164 -24.28 -9.80 -5.18
N ARG A 165 -24.01 -11.10 -5.25
CA ARG A 165 -24.28 -11.91 -6.48
C ARG A 165 -25.77 -11.83 -6.80
N GLN A 166 -26.62 -11.93 -5.79
CA GLN A 166 -28.09 -11.88 -5.94
C GLN A 166 -28.46 -10.48 -6.39
N TYR A 167 -27.81 -9.43 -5.86
CA TYR A 167 -28.13 -8.03 -6.21
C TYR A 167 -27.76 -7.84 -7.68
N ARG A 168 -26.59 -8.32 -8.08
CA ARG A 168 -26.19 -8.34 -9.51
C ARG A 168 -27.10 -9.35 -10.24
N SER B 1 -8.63 20.84 7.46
CA SER B 1 -7.14 21.08 7.52
C SER B 1 -6.62 21.41 6.10
N MET B 2 -5.38 21.00 5.84
CA MET B 2 -4.68 21.16 4.54
C MET B 2 -5.56 20.70 3.36
N THR B 3 -5.66 21.50 2.31
CA THR B 3 -6.31 21.08 1.04
C THR B 3 -5.53 19.95 0.37
N GLU B 4 -6.24 18.93 -0.11
CA GLU B 4 -5.70 17.75 -0.80
C GLU B 4 -5.97 17.88 -2.30
N TYR B 5 -5.03 17.45 -3.11
CA TYR B 5 -5.12 17.50 -4.59
C TYR B 5 -4.83 16.10 -5.09
N LYS B 6 -5.76 15.50 -5.82
CA LYS B 6 -5.56 14.14 -6.37
C LYS B 6 -4.92 14.26 -7.74
N LEU B 7 -3.62 14.01 -7.81
CA LEU B 7 -2.94 14.10 -9.10
C LEU B 7 -2.70 12.72 -9.67
N VAL B 8 -2.75 12.61 -11.00
CA VAL B 8 -2.53 11.34 -11.71
C VAL B 8 -1.47 11.58 -12.76
N VAL B 9 -0.47 10.70 -12.76
CA VAL B 9 0.61 10.77 -13.75
C VAL B 9 0.38 9.67 -14.79
N VAL B 10 0.25 10.09 -16.04
CA VAL B 10 -0.09 9.19 -17.17
C VAL B 10 0.90 9.41 -18.30
N GLY B 11 0.98 8.42 -19.19
CA GLY B 11 1.85 8.49 -20.36
C GLY B 11 2.34 7.11 -20.72
N ALA B 12 2.96 6.99 -21.89
CA ALA B 12 3.46 5.71 -22.40
C ALA B 12 4.48 5.08 -21.47
N GLY B 13 4.64 3.76 -21.57
CA GLY B 13 5.69 3.00 -20.89
C GLY B 13 7.06 3.61 -21.07
N GLY B 14 7.80 3.78 -19.97
CA GLY B 14 9.20 4.18 -19.97
C GLY B 14 9.46 5.67 -20.17
N VAL B 15 8.45 6.54 -20.15
CA VAL B 15 8.66 8.02 -20.36
C VAL B 15 9.27 8.68 -19.12
N GLY B 16 9.15 8.03 -17.97
CA GLY B 16 9.70 8.54 -16.70
C GLY B 16 8.63 9.02 -15.73
N LYS B 17 7.39 8.49 -15.81
CA LYS B 17 6.36 8.85 -14.80
C LYS B 17 6.85 8.56 -13.39
N SER B 18 7.40 7.36 -13.16
CA SER B 18 7.79 6.94 -11.81
C SER B 18 9.03 7.76 -11.40
N ALA B 19 9.97 7.95 -12.30
CA ALA B 19 11.22 8.68 -11.97
C ALA B 19 10.87 10.12 -11.57
N LEU B 20 9.90 10.73 -12.26
CA LEU B 20 9.43 12.09 -11.90
C LEU B 20 8.81 12.08 -10.50
N THR B 21 7.92 11.15 -10.26
CA THR B 21 7.19 11.06 -8.99
C THR B 21 8.18 10.81 -7.86
N ILE B 22 9.10 9.86 -8.07
CA ILE B 22 10.04 9.48 -6.98
C ILE B 22 11.01 10.64 -6.77
N GLN B 23 11.35 11.37 -7.82
CA GLN B 23 12.20 12.56 -7.59
C GLN B 23 11.45 13.56 -6.71
N LEU B 24 10.19 13.79 -7.01
CA LEU B 24 9.39 14.70 -6.18
C LEU B 24 9.29 14.22 -4.74
N ILE B 25 8.99 12.95 -4.54
CA ILE B 25 8.65 12.44 -3.19
C ILE B 25 9.92 12.22 -2.38
N GLN B 26 10.89 11.55 -2.98
CA GLN B 26 12.07 11.00 -2.28
C GLN B 26 13.37 11.73 -2.63
N ASN B 27 13.39 12.61 -3.61
CA ASN B 27 14.61 13.39 -3.96
C ASN B 27 15.74 12.46 -4.41
N HIS B 28 15.36 11.40 -5.13
N HIS B 28 15.45 11.33 -5.04
CA HIS B 28 16.20 10.26 -5.57
CA HIS B 28 16.52 10.54 -5.70
C HIS B 28 15.94 10.05 -7.07
C HIS B 28 16.00 10.06 -7.04
N PHE B 29 16.94 9.75 -7.90
CA PHE B 29 16.67 9.37 -9.31
C PHE B 29 16.74 7.86 -9.43
N VAL B 30 15.61 7.23 -9.78
CA VAL B 30 15.58 5.78 -10.08
C VAL B 30 16.23 5.58 -11.47
N ASP B 31 17.45 5.06 -11.46
CA ASP B 31 18.22 4.67 -12.66
C ASP B 31 17.69 3.38 -13.31
N GLU B 32 17.17 2.44 -12.52
CA GLU B 32 16.72 1.11 -13.01
C GLU B 32 15.30 1.24 -13.55
N TYR B 33 14.91 0.31 -14.40
CA TYR B 33 13.57 0.25 -15.01
C TYR B 33 12.73 -0.77 -14.25
N ASP B 34 11.79 -0.25 -13.47
CA ASP B 34 10.86 -1.06 -12.67
C ASP B 34 9.47 -0.68 -13.15
N PRO B 35 8.98 -1.28 -14.24
CA PRO B 35 7.69 -0.87 -14.79
C PRO B 35 6.59 -1.02 -13.75
N THR B 36 5.74 -0.01 -13.71
CA THR B 36 4.74 0.19 -12.64
C THR B 36 3.51 -0.71 -12.86
N ILE B 37 2.98 -1.26 -11.79
CA ILE B 37 1.60 -1.83 -11.76
C ILE B 37 0.68 -0.66 -11.41
N GLU B 38 0.79 -0.18 -10.18
CA GLU B 38 0.14 1.08 -9.70
C GLU B 38 0.76 1.41 -8.34
N ASP B 39 1.15 2.67 -8.16
CA ASP B 39 1.66 3.16 -6.87
C ASP B 39 1.00 4.49 -6.52
N SER B 40 0.81 4.74 -5.24
CA SER B 40 0.23 6.01 -4.73
C SER B 40 1.22 6.59 -3.72
N TYR B 41 1.35 7.89 -3.73
CA TYR B 41 2.28 8.61 -2.81
C TYR B 41 1.54 9.81 -2.24
N ARG B 42 2.04 10.27 -1.08
CA ARG B 42 1.52 11.50 -0.46
C ARG B 42 2.69 12.41 -0.16
N LYS B 43 2.55 13.69 -0.44
CA LYS B 43 3.55 14.70 -0.05
C LYS B 43 2.86 16.01 0.25
N GLN B 44 3.22 16.64 1.36
CA GLN B 44 2.75 18.00 1.68
C GLN B 44 3.80 18.97 1.10
N VAL B 45 3.32 20.05 0.54
CA VAL B 45 4.17 21.06 -0.13
C VAL B 45 3.51 22.41 0.12
N VAL B 46 4.29 23.46 0.01
CA VAL B 46 3.80 24.87 0.05
C VAL B 46 3.84 25.39 -1.38
N ILE B 47 2.71 25.80 -1.92
CA ILE B 47 2.68 26.37 -3.30
C ILE B 47 2.03 27.74 -3.22
N ASP B 48 2.68 28.77 -3.75
CA ASP B 48 2.23 30.18 -3.67
C ASP B 48 1.83 30.48 -2.22
N GLY B 49 2.61 30.00 -1.25
CA GLY B 49 2.46 30.31 0.19
C GLY B 49 1.35 29.51 0.86
N GLU B 50 0.72 28.57 0.17
CA GLU B 50 -0.44 27.80 0.72
C GLU B 50 -0.05 26.32 0.84
N THR B 51 -0.24 25.70 2.01
CA THR B 51 0.12 24.28 2.23
C THR B 51 -0.93 23.39 1.56
N CYS B 52 -0.45 22.39 0.82
CA CYS B 52 -1.18 21.45 -0.09
C CYS B 52 -0.76 20.04 0.27
N LEU B 53 -1.69 19.11 0.35
CA LEU B 53 -1.34 17.67 0.43
C LEU B 53 -1.60 17.06 -0.95
N LEU B 54 -0.53 16.65 -1.61
CA LEU B 54 -0.58 15.98 -2.93
C LEU B 54 -0.79 14.49 -2.74
N ASP B 55 -1.85 13.98 -3.33
CA ASP B 55 -2.08 12.52 -3.39
C ASP B 55 -1.77 12.17 -4.84
N ILE B 56 -0.65 11.49 -5.09
CA ILE B 56 -0.17 11.24 -6.48
C ILE B 56 -0.33 9.77 -6.83
N LEU B 57 -1.10 9.50 -7.88
CA LEU B 57 -1.23 8.17 -8.44
C LEU B 57 -0.27 8.02 -9.63
N ASP B 58 0.65 7.09 -9.50
CA ASP B 58 1.61 6.75 -10.54
C ASP B 58 1.09 5.52 -11.25
N THR B 59 0.76 5.68 -12.52
CA THR B 59 0.01 4.66 -13.28
C THR B 59 0.94 3.88 -14.20
N ALA B 60 0.43 2.75 -14.70
CA ALA B 60 1.20 1.88 -15.61
C ALA B 60 1.10 2.48 -17.01
N GLY B 61 2.21 2.48 -17.73
CA GLY B 61 2.19 2.81 -19.17
C GLY B 61 1.95 1.57 -20.01
N GLN B 62 1.63 0.44 -19.42
CA GLN B 62 1.45 -0.84 -20.17
C GLN B 62 0.23 -0.73 -21.11
N GLU B 63 0.42 -0.74 -22.44
CA GLU B 63 -0.67 -0.41 -23.40
C GLU B 63 -1.72 -1.51 -23.47
N GLU B 64 -1.41 -2.74 -23.05
CA GLU B 64 -2.41 -3.83 -23.01
C GLU B 64 -3.61 -3.45 -22.10
N TYR B 65 -3.46 -2.59 -21.08
CA TYR B 65 -4.50 -2.35 -20.05
C TYR B 65 -5.13 -0.99 -20.25
N SER B 66 -5.12 -0.48 -21.47
CA SER B 66 -5.61 0.87 -21.80
C SER B 66 -7.10 1.00 -21.44
N ALA B 67 -7.88 -0.09 -21.45
CA ALA B 67 -9.32 -0.03 -21.11
C ALA B 67 -9.51 0.05 -19.59
N MET B 68 -8.47 -0.06 -18.80
CA MET B 68 -8.65 -0.15 -17.34
C MET B 68 -8.31 1.18 -16.66
N ARG B 69 -8.13 2.22 -17.45
CA ARG B 69 -7.75 3.57 -16.92
C ARG B 69 -8.97 4.38 -16.52
N ASP B 70 -10.16 3.96 -16.89
CA ASP B 70 -11.35 4.83 -16.68
C ASP B 70 -11.49 5.13 -15.19
N GLN B 71 -11.32 4.16 -14.29
CA GLN B 71 -11.70 4.43 -12.89
C GLN B 71 -10.73 5.45 -12.32
N TYR B 72 -9.45 5.38 -12.64
CA TYR B 72 -8.53 6.34 -12.00
C TYR B 72 -8.69 7.71 -12.65
N MET B 73 -9.09 7.77 -13.93
CA MET B 73 -9.32 9.05 -14.61
C MET B 73 -10.60 9.70 -14.04
N ARG B 74 -11.54 8.89 -13.57
CA ARG B 74 -12.78 9.39 -12.92
C ARG B 74 -12.46 10.10 -11.60
N THR B 75 -11.58 9.53 -10.79
CA THR B 75 -11.30 10.02 -9.42
C THR B 75 -10.21 11.10 -9.44
N GLY B 76 -9.32 11.08 -10.43
CA GLY B 76 -8.21 12.06 -10.57
C GLY B 76 -8.73 13.48 -10.73
N GLU B 77 -8.11 14.46 -10.06
CA GLU B 77 -8.52 15.90 -10.19
C GLU B 77 -7.63 16.61 -11.21
N GLY B 78 -6.39 16.15 -11.38
CA GLY B 78 -5.48 16.79 -12.33
C GLY B 78 -4.50 15.76 -12.88
N PHE B 79 -4.10 15.93 -14.13
CA PHE B 79 -3.33 14.91 -14.87
C PHE B 79 -2.02 15.48 -15.36
N LEU B 80 -0.94 14.79 -15.02
CA LEU B 80 0.38 15.08 -15.62
C LEU B 80 0.54 14.13 -16.80
N CYS B 81 0.49 14.67 -18.01
CA CYS B 81 0.56 13.90 -19.25
C CYS B 81 1.99 13.91 -19.74
N VAL B 82 2.68 12.77 -19.56
CA VAL B 82 4.15 12.73 -19.72
C VAL B 82 4.51 12.04 -21.03
N PHE B 83 5.38 12.66 -21.82
CA PHE B 83 6.12 11.98 -22.91
C PHE B 83 7.61 12.19 -22.68
N ALA B 84 8.44 11.42 -23.37
CA ALA B 84 9.90 11.56 -23.36
C ALA B 84 10.34 12.27 -24.64
N ILE B 85 11.23 13.25 -24.52
CA ILE B 85 11.65 14.09 -25.68
C ILE B 85 12.46 13.28 -26.70
N ASN B 86 12.95 12.10 -26.32
CA ASN B 86 13.75 11.21 -27.21
C ASN B 86 12.85 10.11 -27.78
N ASN B 87 11.54 10.19 -27.60
CA ASN B 87 10.59 9.09 -27.98
C ASN B 87 9.38 9.73 -28.66
N SER B 88 9.43 9.81 -29.98
CA SER B 88 8.37 10.45 -30.79
C SER B 88 7.06 9.70 -30.60
N LYS B 89 7.10 8.38 -30.42
CA LYS B 89 5.84 7.61 -30.27
C LYS B 89 5.14 8.04 -28.97
N SER B 90 5.89 8.22 -27.88
CA SER B 90 5.31 8.64 -26.59
C SER B 90 4.64 10.00 -26.76
N PHE B 91 5.19 10.88 -27.61
CA PHE B 91 4.55 12.17 -27.90
C PHE B 91 3.23 12.00 -28.65
N ALA B 92 3.19 11.13 -29.64
CA ALA B 92 1.95 10.79 -30.37
C ALA B 92 0.92 10.17 -29.40
N ASP B 93 1.38 9.34 -28.46
CA ASP B 93 0.50 8.65 -27.48
C ASP B 93 -0.20 9.68 -26.58
N ILE B 94 0.37 10.87 -26.43
CA ILE B 94 -0.22 11.91 -25.53
C ILE B 94 -1.68 12.16 -25.93
N ASN B 95 -1.95 12.36 -27.21
CA ASN B 95 -3.32 12.80 -27.60
C ASN B 95 -4.31 11.72 -27.16
N LEU B 96 -3.90 10.46 -27.21
CA LEU B 96 -4.77 9.30 -26.87
C LEU B 96 -5.11 9.43 -25.39
N TYR B 97 -4.12 9.70 -24.53
CA TYR B 97 -4.38 9.92 -23.08
C TYR B 97 -5.32 11.12 -22.93
N ARG B 98 -5.06 12.23 -23.60
CA ARG B 98 -5.91 13.43 -23.34
C ARG B 98 -7.35 13.15 -23.76
N GLU B 99 -7.54 12.52 -24.92
CA GLU B 99 -8.88 12.16 -25.44
C GLU B 99 -9.57 11.26 -24.43
N GLN B 100 -8.84 10.29 -23.91
CA GLN B 100 -9.39 9.31 -22.97
C GLN B 100 -9.85 10.07 -21.71
N ILE B 101 -9.03 11.02 -21.20
CA ILE B 101 -9.39 11.79 -19.98
C ILE B 101 -10.62 12.68 -20.25
N LYS B 102 -10.69 13.33 -21.41
CA LYS B 102 -11.84 14.21 -21.73
C LYS B 102 -13.11 13.37 -21.82
N ARG B 103 -13.06 12.18 -22.42
CA ARG B 103 -14.23 11.27 -22.52
C ARG B 103 -14.70 10.88 -21.11
N VAL B 104 -13.78 10.48 -20.23
CA VAL B 104 -14.17 10.07 -18.86
C VAL B 104 -14.74 11.24 -18.07
N LYS B 105 -14.13 12.41 -18.15
CA LYS B 105 -14.60 13.59 -17.38
C LYS B 105 -15.80 14.21 -18.11
N ASP B 106 -16.01 13.82 -19.38
CA ASP B 106 -16.95 14.44 -20.36
C ASP B 106 -16.82 15.96 -20.28
N SER B 107 -15.61 16.48 -20.50
CA SER B 107 -15.31 17.92 -20.32
C SER B 107 -14.04 18.26 -21.06
N ASP B 108 -13.98 19.46 -21.62
CA ASP B 108 -12.82 20.02 -22.36
C ASP B 108 -11.94 20.76 -21.36
N ASP B 109 -12.42 20.91 -20.14
CA ASP B 109 -11.82 21.78 -19.10
C ASP B 109 -11.37 20.82 -18.00
N VAL B 110 -10.28 20.10 -18.22
CA VAL B 110 -9.71 19.18 -17.19
C VAL B 110 -8.32 19.67 -16.83
N PRO B 111 -8.01 19.92 -15.54
CA PRO B 111 -6.67 20.36 -15.15
C PRO B 111 -5.66 19.30 -15.58
N MET B 112 -4.69 19.79 -16.34
CA MET B 112 -3.73 18.95 -17.04
C MET B 112 -2.48 19.78 -17.35
N VAL B 113 -1.33 19.12 -17.31
CA VAL B 113 -0.04 19.71 -17.75
C VAL B 113 0.65 18.71 -18.67
N LEU B 114 1.18 19.20 -19.78
CA LEU B 114 1.98 18.40 -20.73
C LEU B 114 3.41 18.45 -20.22
N VAL B 115 4.03 17.28 -20.07
CA VAL B 115 5.41 17.19 -19.56
C VAL B 115 6.26 16.49 -20.60
N GLY B 116 7.31 17.17 -21.07
CA GLY B 116 8.34 16.59 -21.95
C GLY B 116 9.54 16.21 -21.11
N ASN B 117 9.60 14.94 -20.70
CA ASN B 117 10.64 14.45 -19.76
C ASN B 117 11.91 13.98 -20.50
N LYS B 118 12.99 13.80 -19.73
CA LYS B 118 14.31 13.31 -20.21
C LYS B 118 15.00 14.43 -21.00
N CYS B 119 14.77 15.68 -20.61
CA CYS B 119 15.32 16.83 -21.36
C CYS B 119 16.84 16.90 -21.15
N ASP B 120 17.41 16.06 -20.27
CA ASP B 120 18.89 15.94 -20.09
C ASP B 120 19.53 15.20 -21.27
N LEU B 121 18.75 14.48 -22.06
CA LEU B 121 19.37 13.56 -23.04
C LEU B 121 19.75 14.33 -24.28
N PRO B 122 20.89 13.98 -24.91
CA PRO B 122 21.33 14.61 -26.17
C PRO B 122 20.54 14.15 -27.41
N THR B 123 19.76 13.07 -27.29
CA THR B 123 19.10 12.37 -28.43
C THR B 123 17.63 12.80 -28.57
N ARG B 124 17.37 14.10 -28.51
CA ARG B 124 15.99 14.65 -28.72
C ARG B 124 15.45 14.28 -30.09
N THR B 125 14.20 13.83 -30.17
CA THR B 125 13.45 13.61 -31.43
C THR B 125 12.14 14.40 -31.41
N VAL B 126 11.74 15.01 -30.29
CA VAL B 126 10.51 15.87 -30.24
C VAL B 126 10.92 17.33 -29.98
N ASP B 127 10.64 18.20 -30.95
CA ASP B 127 10.95 19.66 -30.88
C ASP B 127 10.13 20.33 -29.78
N THR B 128 10.78 21.14 -28.95
CA THR B 128 10.11 21.94 -27.89
C THR B 128 8.96 22.74 -28.54
N LYS B 129 9.17 23.28 -29.73
CA LYS B 129 8.16 24.10 -30.46
C LYS B 129 6.91 23.26 -30.72
N GLN B 130 7.09 22.03 -31.16
CA GLN B 130 5.97 21.11 -31.49
C GLN B 130 5.16 20.79 -30.22
N ALA B 131 5.84 20.56 -29.11
CA ALA B 131 5.21 20.27 -27.81
C ALA B 131 4.47 21.53 -27.34
N HIS B 132 5.09 22.71 -27.42
CA HIS B 132 4.44 23.98 -27.01
C HIS B 132 3.14 24.15 -27.80
N GLU B 133 3.19 23.86 -29.10
CA GLU B 133 2.02 24.03 -29.99
C GLU B 133 0.93 23.04 -29.59
N LEU B 134 1.28 21.80 -29.26
CA LEU B 134 0.23 20.84 -28.80
C LEU B 134 -0.44 21.35 -27.52
N ALA B 135 0.36 21.79 -26.54
CA ALA B 135 -0.16 22.28 -25.24
C ALA B 135 -1.07 23.49 -25.50
N LYS B 136 -0.65 24.40 -26.37
CA LYS B 136 -1.45 25.61 -26.72
C LYS B 136 -2.78 25.18 -27.35
N SER B 137 -2.76 24.23 -28.26
CA SER B 137 -3.97 23.67 -28.91
C SER B 137 -4.91 23.04 -27.87
N TYR B 138 -4.36 22.56 -26.75
CA TYR B 138 -5.13 21.96 -25.64
C TYR B 138 -5.53 23.00 -24.61
N GLY B 139 -4.95 24.21 -24.65
CA GLY B 139 -5.10 25.22 -23.60
C GLY B 139 -4.51 24.82 -22.27
N ILE B 140 -3.37 24.09 -22.27
CA ILE B 140 -2.70 23.66 -21.01
C ILE B 140 -1.22 24.07 -20.99
N PRO B 141 -0.61 24.18 -19.80
CA PRO B 141 0.83 24.41 -19.76
C PRO B 141 1.67 23.24 -20.30
N PHE B 142 2.83 23.59 -20.82
CA PHE B 142 3.88 22.64 -21.20
C PHE B 142 5.13 22.94 -20.38
N ILE B 143 5.71 21.91 -19.79
CA ILE B 143 6.97 22.03 -18.99
C ILE B 143 7.92 20.91 -19.43
N GLU B 144 9.14 21.25 -19.82
CA GLU B 144 10.22 20.24 -20.01
C GLU B 144 10.88 19.90 -18.68
N THR B 145 11.11 18.61 -18.47
CA THR B 145 11.61 18.09 -17.19
C THR B 145 12.76 17.14 -17.44
N SER B 146 13.55 16.95 -16.39
CA SER B 146 14.46 15.80 -16.26
C SER B 146 14.30 15.25 -14.86
N ALA B 147 13.85 14.01 -14.76
CA ALA B 147 13.86 13.26 -13.49
C ALA B 147 15.32 13.06 -13.05
N LYS B 148 16.26 13.07 -13.98
CA LYS B 148 17.68 12.81 -13.66
C LYS B 148 18.31 14.06 -13.03
N THR B 149 18.13 15.24 -13.60
CA THR B 149 18.77 16.48 -13.09
C THR B 149 17.83 17.21 -12.11
N ARG B 150 16.56 16.79 -12.03
N ARG B 150 16.56 16.79 -12.05
CA ARG B 150 15.46 17.44 -11.27
CA ARG B 150 15.46 17.44 -11.29
C ARG B 150 14.94 18.70 -12.01
C ARG B 150 14.92 18.68 -12.04
N GLN B 151 15.47 19.02 -13.20
CA GLN B 151 14.98 20.20 -13.96
C GLN B 151 13.44 20.14 -14.10
N GLY B 152 12.72 21.15 -13.64
CA GLY B 152 11.28 21.26 -13.91
C GLY B 152 10.41 20.33 -13.08
N VAL B 153 10.98 19.47 -12.27
CA VAL B 153 10.15 18.42 -11.60
C VAL B 153 9.15 19.10 -10.68
N GLU B 154 9.60 19.97 -9.77
CA GLU B 154 8.67 20.69 -8.86
C GLU B 154 7.73 21.55 -9.69
N ASP B 155 8.24 22.23 -10.70
CA ASP B 155 7.47 23.16 -11.54
C ASP B 155 6.32 22.36 -12.17
N ALA B 156 6.58 21.17 -12.68
CA ALA B 156 5.54 20.35 -13.37
C ALA B 156 4.39 20.04 -12.38
N PHE B 157 4.71 19.49 -11.21
CA PHE B 157 3.67 19.12 -10.21
C PHE B 157 2.99 20.37 -9.68
N TYR B 158 3.76 21.41 -9.33
CA TYR B 158 3.17 22.61 -8.71
C TYR B 158 2.29 23.34 -9.71
N THR B 159 2.68 23.33 -10.99
CA THR B 159 1.91 23.94 -12.10
C THR B 159 0.57 23.21 -12.18
N LEU B 160 0.58 21.87 -12.12
CA LEU B 160 -0.69 21.11 -12.17
C LEU B 160 -1.56 21.51 -10.96
N VAL B 161 -1.00 21.68 -9.77
CA VAL B 161 -1.79 22.14 -8.61
C VAL B 161 -2.42 23.50 -8.91
N ARG B 162 -1.64 24.44 -9.43
CA ARG B 162 -2.13 25.78 -9.80
C ARG B 162 -3.28 25.67 -10.82
N GLU B 163 -3.20 24.73 -11.78
CA GLU B 163 -4.29 24.47 -12.76
C GLU B 163 -5.53 23.97 -12.01
N ILE B 164 -5.36 23.10 -11.03
CA ILE B 164 -6.50 22.58 -10.24
C ILE B 164 -7.09 23.75 -9.45
N ARG B 165 -6.25 24.50 -8.73
CA ARG B 165 -6.69 25.70 -7.96
C ARG B 165 -7.49 26.63 -8.86
N GLN B 166 -7.05 26.88 -10.08
CA GLN B 166 -7.77 27.80 -11.00
C GLN B 166 -9.13 27.19 -11.36
N TYR B 167 -9.15 25.91 -11.70
CA TYR B 167 -10.39 25.16 -12.02
C TYR B 167 -11.38 25.32 -10.88
N ARG B 168 -10.92 25.10 -9.64
CA ARG B 168 -11.76 25.09 -8.43
C ARG B 168 -12.27 26.51 -8.16
N MET B 169 -11.44 27.52 -8.41
CA MET B 169 -11.81 28.94 -8.18
C MET B 169 -12.98 29.37 -9.09
N LYS B 170 -13.18 28.73 -10.24
CA LYS B 170 -14.18 29.20 -11.25
C LYS B 170 -15.58 28.74 -10.83
N VAL C 3 11.65 -37.37 -20.80
CA VAL C 3 12.87 -36.57 -21.12
C VAL C 3 12.73 -35.13 -20.58
N ASN C 4 11.51 -34.55 -20.50
CA ASN C 4 11.29 -33.18 -19.95
C ASN C 4 11.85 -33.10 -18.54
N PRO C 5 12.79 -32.20 -18.21
CA PRO C 5 13.39 -32.18 -16.88
C PRO C 5 12.37 -31.69 -15.83
N THR C 6 12.64 -32.04 -14.56
CA THR C 6 11.82 -31.60 -13.40
C THR C 6 12.74 -30.85 -12.45
N VAL C 7 12.29 -29.69 -11.97
CA VAL C 7 13.09 -28.91 -11.00
C VAL C 7 12.18 -28.57 -9.82
N PHE C 8 12.80 -28.29 -8.69
CA PHE C 8 12.04 -27.98 -7.47
C PHE C 8 12.54 -26.67 -6.90
N PHE C 9 11.62 -25.98 -6.23
CA PHE C 9 11.91 -24.87 -5.30
C PHE C 9 11.41 -25.23 -3.90
N ASP C 10 12.29 -25.09 -2.93
CA ASP C 10 11.90 -25.09 -1.50
C ASP C 10 11.62 -23.65 -1.10
N ILE C 11 10.36 -23.35 -0.80
CA ILE C 11 9.91 -21.98 -0.50
C ILE C 11 9.98 -21.76 1.01
N ALA C 12 10.40 -20.59 1.41
CA ALA C 12 10.35 -20.17 2.83
C ALA C 12 9.68 -18.80 2.90
N VAL C 13 9.10 -18.52 4.06
CA VAL C 13 8.38 -17.27 4.31
C VAL C 13 9.02 -16.70 5.56
N ASP C 14 9.65 -15.54 5.43
CA ASP C 14 10.51 -14.98 6.51
C ASP C 14 11.44 -16.10 7.05
N GLY C 15 12.00 -16.94 6.18
CA GLY C 15 13.01 -17.93 6.58
C GLY C 15 12.42 -19.18 7.19
N GLU C 16 11.10 -19.24 7.33
CA GLU C 16 10.37 -20.44 7.85
C GLU C 16 9.93 -21.30 6.66
N PRO C 17 10.24 -22.60 6.64
CA PRO C 17 9.82 -23.47 5.56
C PRO C 17 8.31 -23.35 5.34
N LEU C 18 7.91 -23.35 4.07
CA LEU C 18 6.51 -23.43 3.64
C LEU C 18 6.31 -24.75 2.91
N GLY C 19 7.17 -25.06 1.93
CA GLY C 19 7.16 -26.37 1.27
C GLY C 19 7.72 -26.30 -0.11
N ARG C 20 7.66 -27.44 -0.81
CA ARG C 20 8.34 -27.66 -2.09
C ARG C 20 7.35 -27.57 -3.24
N VAL C 21 7.69 -26.75 -4.24
N VAL C 21 7.71 -26.78 -4.25
CA VAL C 21 7.01 -26.75 -5.55
CA VAL C 21 6.97 -26.78 -5.55
C VAL C 21 7.93 -27.41 -6.57
C VAL C 21 7.91 -27.37 -6.59
N SER C 22 7.40 -28.24 -7.45
CA SER C 22 8.18 -28.85 -8.53
C SER C 22 7.51 -28.47 -9.84
N PHE C 23 8.33 -28.39 -10.87
CA PHE C 23 7.91 -27.92 -12.21
C PHE C 23 8.40 -28.92 -13.24
N GLU C 24 7.54 -29.21 -14.20
CA GLU C 24 7.92 -29.84 -15.47
C GLU C 24 8.35 -28.70 -16.38
N LEU C 25 9.50 -28.83 -17.00
CA LEU C 25 10.00 -27.82 -17.95
C LEU C 25 9.82 -28.43 -19.35
N PHE C 26 9.16 -27.70 -20.25
CA PHE C 26 8.79 -28.22 -21.59
C PHE C 26 9.97 -28.09 -22.56
N ALA C 27 11.06 -28.79 -22.25
CA ALA C 27 12.25 -28.92 -23.13
C ALA C 27 11.81 -29.40 -24.53
N ASP C 28 10.73 -30.15 -24.62
CA ASP C 28 10.24 -30.72 -25.89
C ASP C 28 9.74 -29.62 -26.82
N LYS C 29 9.25 -28.51 -26.28
CA LYS C 29 8.66 -27.42 -27.10
C LYS C 29 9.44 -26.11 -27.00
N VAL C 30 10.15 -25.85 -25.90
CA VAL C 30 10.93 -24.59 -25.70
C VAL C 30 12.26 -24.94 -25.07
N PRO C 31 13.15 -25.63 -25.80
CA PRO C 31 14.36 -26.15 -25.17
C PRO C 31 15.29 -25.09 -24.60
N LYS C 32 15.45 -23.95 -25.27
CA LYS C 32 16.43 -22.94 -24.84
C LYS C 32 15.90 -22.31 -23.55
N THR C 33 14.59 -22.09 -23.51
CA THR C 33 13.94 -21.42 -22.36
C THR C 33 13.91 -22.41 -21.18
N ALA C 34 13.53 -23.66 -21.41
CA ALA C 34 13.57 -24.70 -20.35
C ALA C 34 14.99 -24.87 -19.81
N GLU C 35 16.02 -24.82 -20.65
CA GLU C 35 17.41 -25.08 -20.21
C GLU C 35 17.89 -23.93 -19.35
N ASN C 36 17.53 -22.70 -19.70
CA ASN C 36 17.83 -21.51 -18.90
C ASN C 36 17.31 -21.75 -17.47
N PHE C 37 16.03 -22.07 -17.35
CA PHE C 37 15.36 -22.20 -16.03
C PHE C 37 15.99 -23.37 -15.28
N ARG C 38 16.26 -24.46 -16.00
CA ARG C 38 16.84 -25.69 -15.40
C ARG C 38 18.16 -25.29 -14.77
N ALA C 39 19.06 -24.69 -15.55
CA ALA C 39 20.43 -24.37 -15.11
C ALA C 39 20.36 -23.36 -13.97
N LEU C 40 19.45 -22.38 -14.02
CA LEU C 40 19.35 -21.37 -12.95
C LEU C 40 18.87 -22.07 -11.67
N SER C 41 18.08 -23.12 -11.81
CA SER C 41 17.54 -23.87 -10.65
C SER C 41 18.65 -24.72 -10.02
N THR C 42 19.61 -25.22 -10.79
CA THR C 42 20.69 -26.04 -10.22
C THR C 42 21.79 -25.11 -9.73
N GLY C 43 21.89 -23.90 -10.26
CA GLY C 43 22.98 -23.00 -9.86
C GLY C 43 24.32 -23.38 -10.51
N GLU C 44 24.30 -24.23 -11.52
CA GLU C 44 25.54 -24.85 -12.07
C GLU C 44 26.40 -23.84 -12.83
N LYS C 45 25.88 -22.65 -13.16
CA LYS C 45 26.68 -21.57 -13.79
C LYS C 45 27.36 -20.72 -12.72
N GLY C 46 27.12 -21.01 -11.44
CA GLY C 46 27.65 -20.24 -10.30
C GLY C 46 26.75 -19.06 -9.96
N PHE C 47 25.55 -19.05 -10.51
CA PHE C 47 24.50 -18.09 -10.13
C PHE C 47 23.15 -18.76 -10.42
N GLY C 48 22.08 -18.20 -9.86
CA GLY C 48 20.73 -18.71 -10.11
C GLY C 48 19.80 -18.38 -8.98
N TYR C 49 18.71 -19.15 -8.91
CA TYR C 49 17.49 -18.72 -8.18
C TYR C 49 17.66 -18.84 -6.67
N LYS C 50 18.55 -19.73 -6.22
CA LYS C 50 18.66 -20.04 -4.77
C LYS C 50 18.88 -18.74 -4.05
N GLY C 51 18.06 -18.51 -3.04
CA GLY C 51 18.16 -17.35 -2.15
C GLY C 51 17.35 -16.18 -2.63
N SER C 52 16.85 -16.22 -3.87
CA SER C 52 16.08 -15.10 -4.46
C SER C 52 14.62 -15.16 -3.97
N CYS C 53 13.91 -14.06 -4.14
CA CYS C 53 12.56 -13.92 -3.59
C CYS C 53 11.52 -13.79 -4.72
N PHE C 54 10.28 -14.02 -4.32
CA PHE C 54 9.07 -13.73 -5.12
C PHE C 54 8.66 -12.31 -4.77
N HIS C 55 8.99 -11.38 -5.66
CA HIS C 55 8.89 -9.95 -5.32
C HIS C 55 7.51 -9.41 -5.62
N ARG C 56 6.74 -10.09 -6.47
CA ARG C 56 5.42 -9.57 -6.88
C ARG C 56 4.41 -10.73 -6.80
N ILE C 57 3.45 -10.62 -5.89
CA ILE C 57 2.40 -11.64 -5.73
C ILE C 57 1.08 -10.91 -5.81
N ILE C 58 0.29 -11.22 -6.83
CA ILE C 58 -0.99 -10.50 -7.02
C ILE C 58 -2.07 -11.56 -7.00
N PRO C 59 -2.79 -11.67 -5.86
CA PRO C 59 -3.83 -12.69 -5.76
C PRO C 59 -4.83 -12.60 -6.92
N GLY C 60 -5.15 -13.77 -7.45
CA GLY C 60 -6.11 -13.91 -8.54
C GLY C 60 -5.38 -13.99 -9.84
N PHE C 61 -4.06 -13.73 -9.85
CA PHE C 61 -3.30 -13.65 -11.11
C PHE C 61 -2.03 -14.49 -11.13
N MET C 62 -1.01 -14.12 -10.36
N MET C 62 -1.00 -14.11 -10.37
CA MET C 62 0.28 -14.80 -10.49
CA MET C 62 0.29 -14.81 -10.52
C MET C 62 1.23 -14.47 -9.35
C MET C 62 1.26 -14.45 -9.39
N CYS C 63 2.28 -15.29 -9.21
CA CYS C 63 3.43 -15.08 -8.32
C CYS C 63 4.64 -14.91 -9.24
N GLN C 64 5.38 -13.81 -9.12
CA GLN C 64 6.54 -13.52 -10.00
C GLN C 64 7.80 -13.43 -9.14
N GLY C 65 8.89 -14.06 -9.57
CA GLY C 65 10.19 -13.92 -8.92
C GLY C 65 11.31 -14.03 -9.91
N GLY C 66 12.47 -14.42 -9.41
CA GLY C 66 13.65 -14.76 -10.24
C GLY C 66 14.66 -13.63 -10.39
N ASP C 67 14.51 -12.51 -9.68
CA ASP C 67 15.55 -11.44 -9.72
C ASP C 67 16.62 -11.75 -8.67
N PHE C 68 17.60 -12.56 -9.06
CA PHE C 68 18.71 -12.95 -8.17
C PHE C 68 19.90 -11.99 -8.31
N THR C 69 19.84 -10.96 -9.16
CA THR C 69 21.00 -10.05 -9.38
C THR C 69 20.83 -8.78 -8.58
N ARG C 70 19.62 -8.26 -8.51
CA ARG C 70 19.36 -6.98 -7.82
C ARG C 70 18.40 -7.15 -6.66
N HIS C 71 17.65 -8.24 -6.64
CA HIS C 71 16.69 -8.55 -5.57
C HIS C 71 15.70 -7.41 -5.43
N ASN C 72 15.33 -6.72 -6.50
CA ASN C 72 14.41 -5.56 -6.37
C ASN C 72 13.33 -5.59 -7.47
N GLY C 73 13.23 -6.67 -8.26
CA GLY C 73 12.25 -6.81 -9.35
C GLY C 73 12.69 -6.22 -10.68
N THR C 74 13.85 -5.58 -10.74
CA THR C 74 14.34 -4.98 -12.00
C THR C 74 15.41 -5.86 -12.66
N GLY C 75 16.00 -6.84 -11.96
CA GLY C 75 17.21 -7.53 -12.45
C GLY C 75 16.95 -8.97 -12.88
N GLY C 76 17.99 -9.78 -12.74
CA GLY C 76 18.00 -11.14 -13.29
C GLY C 76 18.81 -11.18 -14.57
N LYS C 77 19.34 -12.36 -14.87
CA LYS C 77 20.05 -12.60 -16.14
C LYS C 77 19.86 -14.05 -16.54
N SER C 78 20.02 -14.33 -17.82
CA SER C 78 19.91 -15.71 -18.34
C SER C 78 21.32 -16.30 -18.35
N ILE C 79 21.36 -17.56 -18.69
CA ILE C 79 22.65 -18.28 -18.91
C ILE C 79 23.24 -17.94 -20.28
N TYR C 80 22.53 -17.16 -21.10
CA TYR C 80 22.93 -16.81 -22.47
C TYR C 80 23.36 -15.35 -22.59
N GLY C 81 23.36 -14.61 -21.47
CA GLY C 81 23.57 -13.14 -21.47
C GLY C 81 22.49 -12.51 -20.64
N GLU C 82 22.59 -11.20 -20.42
N GLU C 82 22.50 -11.20 -20.46
CA GLU C 82 21.58 -10.42 -19.65
CA GLU C 82 21.55 -10.54 -19.53
C GLU C 82 20.21 -10.94 -20.07
C GLU C 82 20.11 -10.72 -20.05
N LYS C 83 19.93 -10.85 -21.37
CA LYS C 83 18.59 -11.16 -21.93
C LYS C 83 18.75 -12.03 -23.17
N PHE C 84 17.68 -12.73 -23.51
CA PHE C 84 17.65 -13.57 -24.73
C PHE C 84 16.29 -13.47 -25.36
N GLU C 85 16.24 -13.89 -26.60
CA GLU C 85 15.05 -13.75 -27.43
C GLU C 85 13.89 -14.62 -26.95
N ASP C 86 12.70 -14.19 -27.36
CA ASP C 86 11.47 -15.02 -27.30
C ASP C 86 11.62 -16.24 -28.20
N GLU C 87 11.62 -17.43 -27.61
CA GLU C 87 11.90 -18.68 -28.34
C GLU C 87 10.72 -19.02 -29.25
N ASN C 88 9.52 -19.08 -28.69
CA ASN C 88 8.25 -19.30 -29.41
C ASN C 88 7.10 -19.04 -28.46
N PHE C 89 5.92 -18.90 -29.01
CA PHE C 89 4.68 -18.65 -28.25
C PHE C 89 3.68 -19.78 -28.50
N ILE C 90 4.18 -20.99 -28.65
CA ILE C 90 3.31 -22.15 -28.96
C ILE C 90 2.35 -22.36 -27.80
N LEU C 91 2.91 -22.41 -26.59
CA LEU C 91 2.12 -22.74 -25.38
C LEU C 91 1.42 -21.49 -24.82
N LYS C 92 0.24 -21.68 -24.24
CA LYS C 92 -0.62 -20.58 -23.81
C LYS C 92 -0.75 -20.60 -22.29
N HIS C 93 -1.25 -19.50 -21.78
CA HIS C 93 -1.48 -19.31 -20.33
C HIS C 93 -2.88 -19.86 -20.06
N THR C 94 -2.97 -21.16 -19.86
CA THR C 94 -4.29 -21.86 -19.90
C THR C 94 -4.92 -21.94 -18.52
N GLY C 95 -4.18 -21.67 -17.47
CA GLY C 95 -4.77 -21.77 -16.13
C GLY C 95 -3.72 -21.80 -15.04
N PRO C 96 -4.16 -22.07 -13.81
CA PRO C 96 -3.23 -22.10 -12.69
C PRO C 96 -2.10 -23.10 -12.93
N GLY C 97 -0.91 -22.75 -12.50
CA GLY C 97 0.27 -23.61 -12.50
C GLY C 97 1.15 -23.37 -13.72
N ILE C 98 0.67 -22.63 -14.72
CA ILE C 98 1.50 -22.30 -15.91
C ILE C 98 2.73 -21.51 -15.46
N LEU C 99 3.90 -21.93 -15.93
CA LEU C 99 5.17 -21.25 -15.64
C LEU C 99 5.62 -20.55 -16.93
N SER C 100 5.85 -19.25 -16.83
CA SER C 100 6.07 -18.39 -18.02
C SER C 100 7.14 -17.35 -17.72
N MET C 101 7.78 -16.84 -18.77
CA MET C 101 8.87 -15.86 -18.58
C MET C 101 8.29 -14.45 -18.41
N ALA C 102 8.78 -13.73 -17.43
CA ALA C 102 8.57 -12.28 -17.33
C ALA C 102 9.45 -11.62 -18.38
N ASN C 103 9.06 -10.43 -18.79
CA ASN C 103 9.90 -9.64 -19.72
C ASN C 103 9.53 -8.16 -19.60
N ALA C 104 10.33 -7.34 -20.27
CA ALA C 104 10.13 -5.88 -20.40
C ALA C 104 9.92 -5.57 -21.87
N GLY C 105 9.17 -6.39 -22.60
CA GLY C 105 8.89 -6.25 -24.03
C GLY C 105 9.56 -7.34 -24.84
N PRO C 106 9.44 -7.26 -26.18
CA PRO C 106 9.96 -8.31 -27.04
C PRO C 106 11.43 -8.64 -26.78
N ASN C 107 11.75 -9.93 -26.76
CA ASN C 107 13.13 -10.46 -26.72
C ASN C 107 13.88 -9.89 -25.53
N THR C 108 13.26 -9.95 -24.36
CA THR C 108 13.92 -9.47 -23.10
C THR C 108 13.73 -10.49 -21.96
N ASN C 109 13.79 -11.76 -22.29
CA ASN C 109 13.84 -12.83 -21.27
C ASN C 109 15.16 -12.79 -20.53
N GLY C 110 15.10 -12.82 -19.21
CA GLY C 110 16.31 -12.96 -18.38
C GLY C 110 16.19 -14.17 -17.50
N SER C 111 15.92 -13.94 -16.21
CA SER C 111 15.65 -15.05 -15.26
C SER C 111 14.27 -14.87 -14.63
N GLN C 112 13.67 -13.68 -14.68
CA GLN C 112 12.39 -13.47 -13.98
C GLN C 112 11.33 -14.32 -14.67
N PHE C 113 10.44 -14.88 -13.86
CA PHE C 113 9.43 -15.84 -14.32
C PHE C 113 8.20 -15.59 -13.49
N PHE C 114 7.07 -16.11 -13.94
CA PHE C 114 5.86 -16.06 -13.10
C PHE C 114 5.12 -17.38 -13.19
N ILE C 115 4.42 -17.66 -12.09
CA ILE C 115 3.57 -18.87 -11.96
C ILE C 115 2.14 -18.37 -11.90
N CYS C 116 1.32 -18.79 -12.85
CA CYS C 116 -0.07 -18.34 -12.91
C CYS C 116 -0.89 -18.96 -11.77
N THR C 117 -1.83 -18.20 -11.21
CA THR C 117 -2.80 -18.76 -10.23
C THR C 117 -4.19 -18.64 -10.81
N ALA C 118 -4.27 -18.28 -12.09
CA ALA C 118 -5.51 -18.22 -12.88
C ALA C 118 -5.11 -18.26 -14.35
N LYS C 119 -6.08 -18.40 -15.20
CA LYS C 119 -5.89 -18.24 -16.66
C LYS C 119 -5.58 -16.77 -16.97
N THR C 120 -4.50 -16.51 -17.70
CA THR C 120 -4.09 -15.12 -18.03
C THR C 120 -3.92 -15.02 -19.54
N GLU C 121 -4.99 -15.27 -20.29
CA GLU C 121 -4.89 -15.47 -21.76
C GLU C 121 -4.34 -14.21 -22.45
N TRP C 122 -4.53 -13.03 -21.89
CA TRP C 122 -4.10 -11.75 -22.52
C TRP C 122 -2.58 -11.68 -22.56
N LEU C 123 -1.87 -12.59 -21.87
CA LEU C 123 -0.39 -12.68 -21.94
C LEU C 123 0.05 -13.60 -23.09
N ASP C 124 -0.89 -14.31 -23.72
CA ASP C 124 -0.56 -15.25 -24.81
C ASP C 124 0.07 -14.45 -25.94
N GLY C 125 1.17 -14.94 -26.47
CA GLY C 125 1.89 -14.29 -27.60
C GLY C 125 2.82 -13.19 -27.16
N LYS C 126 2.89 -12.89 -25.86
CA LYS C 126 3.79 -11.85 -25.34
C LYS C 126 4.77 -12.41 -24.31
N HIS C 127 4.39 -13.46 -23.57
CA HIS C 127 5.28 -14.14 -22.61
C HIS C 127 5.45 -15.59 -23.05
N VAL C 128 6.68 -16.06 -22.96
CA VAL C 128 7.00 -17.45 -23.36
C VAL C 128 6.65 -18.40 -22.21
N VAL C 129 5.67 -19.25 -22.44
CA VAL C 129 5.27 -20.35 -21.51
C VAL C 129 6.24 -21.50 -21.71
N PHE C 130 6.84 -22.00 -20.64
CA PHE C 130 7.86 -23.06 -20.82
C PHE C 130 7.74 -24.17 -19.79
N GLY C 131 6.74 -24.13 -18.95
CA GLY C 131 6.56 -25.25 -17.99
C GLY C 131 5.31 -25.12 -17.22
N LYS C 132 5.15 -25.98 -16.21
CA LYS C 132 3.96 -25.96 -15.35
C LYS C 132 4.32 -26.59 -14.01
N VAL C 133 3.59 -26.21 -12.99
CA VAL C 133 3.72 -26.84 -11.67
C VAL C 133 3.30 -28.31 -11.77
N LYS C 134 4.14 -29.18 -11.27
CA LYS C 134 3.91 -30.64 -11.22
C LYS C 134 3.34 -30.97 -9.84
N GLU C 135 4.12 -30.77 -8.79
CA GLU C 135 3.67 -31.03 -7.39
C GLU C 135 3.78 -29.73 -6.61
N GLY C 136 2.95 -29.57 -5.58
CA GLY C 136 3.08 -28.44 -4.66
C GLY C 136 2.38 -27.20 -5.18
N MET C 137 1.33 -27.33 -5.99
CA MET C 137 0.55 -26.13 -6.41
C MET C 137 -0.07 -25.46 -5.18
N ASN C 138 -0.40 -26.21 -4.12
CA ASN C 138 -0.96 -25.59 -2.91
C ASN C 138 0.08 -24.68 -2.24
N ILE C 139 1.37 -24.87 -2.48
CA ILE C 139 2.41 -23.94 -1.94
C ILE C 139 2.28 -22.59 -2.66
N VAL C 140 2.04 -22.62 -3.97
CA VAL C 140 1.87 -21.38 -4.75
C VAL C 140 0.58 -20.71 -4.31
N GLU C 141 -0.50 -21.47 -4.09
CA GLU C 141 -1.75 -20.91 -3.56
C GLU C 141 -1.47 -20.31 -2.18
N ALA C 142 -0.65 -20.98 -1.38
CA ALA C 142 -0.37 -20.46 -0.01
C ALA C 142 0.39 -19.12 -0.10
N MET C 143 1.27 -18.97 -1.09
CA MET C 143 2.06 -17.71 -1.25
C MET C 143 1.12 -16.53 -1.51
N GLU C 144 -0.02 -16.73 -2.16
CA GLU C 144 -0.97 -15.62 -2.47
C GLU C 144 -1.40 -14.80 -1.25
N ARG C 145 -1.50 -15.39 -0.05
CA ARG C 145 -1.93 -14.60 1.14
C ARG C 145 -0.86 -13.56 1.52
N PHE C 146 0.31 -13.53 0.88
CA PHE C 146 1.36 -12.55 1.27
C PHE C 146 1.43 -11.46 0.18
N GLY C 147 0.56 -11.56 -0.83
CA GLY C 147 0.49 -10.60 -1.93
C GLY C 147 -0.50 -9.51 -1.68
N SER C 148 -0.74 -8.70 -2.69
CA SER C 148 -1.58 -7.48 -2.63
C SER C 148 -2.00 -7.12 -4.03
N ARG C 149 -2.86 -6.13 -4.16
CA ARG C 149 -3.35 -5.65 -5.46
C ARG C 149 -2.21 -5.19 -6.38
N ASN C 150 -1.22 -4.45 -5.87
CA ASN C 150 -0.12 -3.98 -6.76
C ASN C 150 1.07 -4.94 -6.71
N GLY C 151 0.98 -6.03 -5.96
CA GLY C 151 1.99 -7.11 -5.99
C GLY C 151 3.01 -7.03 -4.85
N LYS C 152 3.06 -5.94 -4.11
CA LYS C 152 3.98 -5.82 -2.95
C LYS C 152 3.65 -6.90 -1.93
N THR C 153 4.66 -7.60 -1.43
CA THR C 153 4.51 -8.73 -0.52
C THR C 153 4.62 -8.25 0.93
N SER C 154 3.92 -8.90 1.82
CA SER C 154 3.89 -8.53 3.26
C SER C 154 4.83 -9.43 4.07
N LYS C 155 5.40 -10.46 3.47
CA LYS C 155 6.51 -11.20 4.07
C LYS C 155 7.49 -11.52 2.96
N LYS C 156 8.71 -11.85 3.33
CA LYS C 156 9.80 -12.22 2.40
C LYS C 156 9.61 -13.67 1.98
N ILE C 157 9.19 -13.86 0.72
CA ILE C 157 8.95 -15.20 0.16
C ILE C 157 10.20 -15.57 -0.62
N THR C 158 10.96 -16.58 -0.19
CA THR C 158 12.28 -16.91 -0.77
C THR C 158 12.30 -18.31 -1.35
N ILE C 159 13.12 -18.50 -2.37
CA ILE C 159 13.57 -19.83 -2.81
C ILE C 159 14.75 -20.20 -1.90
N ALA C 160 14.44 -20.89 -0.80
CA ALA C 160 15.46 -21.26 0.22
C ALA C 160 16.41 -22.29 -0.38
N ASP C 161 15.94 -23.12 -1.30
CA ASP C 161 16.78 -24.07 -2.05
C ASP C 161 16.07 -24.42 -3.35
N CYS C 162 16.81 -24.90 -4.33
CA CYS C 162 16.26 -25.32 -5.63
C CYS C 162 17.21 -26.29 -6.28
N GLY C 163 16.74 -27.07 -7.22
CA GLY C 163 17.60 -28.02 -7.93
C GLY C 163 16.80 -28.77 -8.93
N GLN C 164 17.41 -29.80 -9.51
CA GLN C 164 16.74 -30.70 -10.47
C GLN C 164 16.48 -32.03 -9.77
N LEU C 165 15.34 -32.67 -10.05
CA LEU C 165 14.92 -33.97 -9.46
C LEU C 165 15.24 -35.14 -10.39
N MET D 2 10.42 25.20 36.89
CA MET D 2 10.97 23.91 36.32
C MET D 2 11.54 24.19 34.93
N VAL D 3 12.81 23.83 34.69
CA VAL D 3 13.51 24.07 33.40
C VAL D 3 13.08 22.99 32.39
N ASN D 4 12.85 23.35 31.14
CA ASN D 4 12.48 22.37 30.08
C ASN D 4 13.75 21.71 29.57
N PRO D 5 13.89 20.36 29.67
CA PRO D 5 15.04 19.67 29.13
C PRO D 5 14.92 19.53 27.60
N THR D 6 16.04 19.21 26.97
CA THR D 6 16.18 18.96 25.52
C THR D 6 16.69 17.54 25.33
N VAL D 7 16.04 16.78 24.44
CA VAL D 7 16.49 15.42 24.08
C VAL D 7 16.69 15.36 22.57
N PHE D 8 17.42 14.37 22.09
CA PHE D 8 17.64 14.19 20.64
C PHE D 8 17.37 12.75 20.25
N PHE D 9 16.95 12.60 19.00
CA PHE D 9 16.96 11.33 18.24
C PHE D 9 17.89 11.52 17.05
N ASP D 10 18.76 10.55 16.85
CA ASP D 10 19.47 10.29 15.58
C ASP D 10 18.65 9.26 14.80
N ILE D 11 18.09 9.71 13.71
CA ILE D 11 17.18 8.93 12.84
C ILE D 11 18.01 8.27 11.74
N ALA D 12 17.72 7.00 11.50
CA ALA D 12 18.32 6.22 10.40
C ALA D 12 17.20 5.69 9.49
N VAL D 13 17.56 5.56 8.20
CA VAL D 13 16.69 4.96 7.13
C VAL D 13 17.37 3.69 6.65
N ASP D 14 16.78 2.52 6.88
CA ASP D 14 17.36 1.19 6.56
C ASP D 14 18.80 1.11 7.11
N GLY D 15 19.04 1.67 8.29
CA GLY D 15 20.35 1.55 8.93
C GLY D 15 21.33 2.61 8.51
N GLU D 16 20.95 3.56 7.63
CA GLU D 16 21.80 4.69 7.19
C GLU D 16 21.37 5.97 7.91
N PRO D 17 22.32 6.80 8.38
CA PRO D 17 21.98 8.02 9.10
C PRO D 17 21.19 8.99 8.22
N LEU D 18 20.11 9.52 8.75
CA LEU D 18 19.34 10.58 8.08
C LEU D 18 19.71 11.92 8.72
N GLY D 19 19.55 12.04 10.03
CA GLY D 19 19.97 13.25 10.76
C GLY D 19 19.33 13.32 12.12
N ARG D 20 19.50 14.46 12.77
CA ARG D 20 19.20 14.58 14.20
C ARG D 20 17.93 15.41 14.35
N VAL D 21 17.05 14.95 15.21
CA VAL D 21 15.90 15.77 15.66
C VAL D 21 16.09 16.02 17.15
N SER D 22 15.98 17.26 17.58
CA SER D 22 15.99 17.61 19.03
C SER D 22 14.62 18.18 19.38
N PHE D 23 14.24 17.99 20.64
CA PHE D 23 12.91 18.31 21.18
C PHE D 23 13.13 19.08 22.47
N GLU D 24 12.45 20.20 22.62
CA GLU D 24 12.19 20.81 23.95
C GLU D 24 11.02 20.05 24.59
N LEU D 25 11.21 19.56 25.81
CA LEU D 25 10.12 18.92 26.56
C LEU D 25 9.55 19.92 27.54
N PHE D 26 8.25 20.13 27.55
CA PHE D 26 7.59 21.19 28.36
C PHE D 26 7.37 20.70 29.79
N ALA D 27 8.46 20.43 30.52
CA ALA D 27 8.43 19.99 31.93
C ALA D 27 7.73 21.08 32.77
N ASP D 28 7.72 22.31 32.30
CA ASP D 28 7.11 23.48 33.00
C ASP D 28 5.58 23.39 32.94
N LYS D 29 4.99 22.53 32.10
CA LYS D 29 3.51 22.40 32.00
C LYS D 29 3.06 20.97 32.28
N VAL D 30 3.87 19.99 31.88
CA VAL D 30 3.56 18.54 31.96
C VAL D 30 4.81 17.82 32.43
N PRO D 31 5.22 18.01 33.69
CA PRO D 31 6.49 17.48 34.13
C PRO D 31 6.50 15.95 34.12
N LYS D 32 5.38 15.32 34.48
CA LYS D 32 5.35 13.83 34.54
C LYS D 32 5.53 13.29 33.12
N THR D 33 4.85 13.91 32.15
CA THR D 33 4.86 13.38 30.76
C THR D 33 6.25 13.67 30.16
N ALA D 34 6.76 14.87 30.41
CA ALA D 34 8.10 15.28 29.96
C ALA D 34 9.14 14.30 30.52
N GLU D 35 9.07 13.97 31.82
CA GLU D 35 10.11 13.17 32.48
C GLU D 35 10.10 11.73 31.91
N ASN D 36 8.92 11.20 31.56
CA ASN D 36 8.79 9.87 30.94
C ASN D 36 9.61 9.87 29.63
N PHE D 37 9.38 10.87 28.82
CA PHE D 37 10.01 10.89 27.47
C PHE D 37 11.53 11.12 27.61
N ARG D 38 11.89 12.00 28.53
CA ARG D 38 13.32 12.28 28.83
C ARG D 38 14.00 10.97 29.21
N ALA D 39 13.47 10.25 30.18
CA ALA D 39 14.13 9.02 30.68
C ALA D 39 14.11 7.92 29.62
N LEU D 40 13.08 7.84 28.79
CA LEU D 40 13.08 6.82 27.72
C LEU D 40 14.11 7.20 26.66
N SER D 41 14.40 8.49 26.52
CA SER D 41 15.36 9.00 25.49
C SER D 41 16.79 8.70 25.99
N THR D 42 17.04 8.76 27.29
CA THR D 42 18.41 8.52 27.83
C THR D 42 18.61 7.02 28.01
N GLY D 43 17.55 6.24 28.20
CA GLY D 43 17.61 4.80 28.47
C GLY D 43 18.02 4.51 29.92
N GLU D 44 18.01 5.53 30.77
CA GLU D 44 18.60 5.43 32.12
C GLU D 44 17.82 4.44 33.01
N LYS D 45 16.60 4.08 32.66
CA LYS D 45 15.85 3.05 33.44
C LYS D 45 16.18 1.63 32.95
N GLY D 46 16.96 1.48 31.89
CA GLY D 46 17.36 0.15 31.36
C GLY D 46 16.49 -0.24 30.17
N PHE D 47 15.64 0.67 29.72
CA PHE D 47 14.82 0.50 28.49
C PHE D 47 14.48 1.89 27.94
N GLY D 48 14.07 1.94 26.69
CA GLY D 48 13.66 3.21 26.10
C GLY D 48 13.70 3.14 24.58
N TYR D 49 13.83 4.31 23.99
CA TYR D 49 13.53 4.48 22.55
C TYR D 49 14.68 3.96 21.69
N LYS D 50 15.92 3.88 22.21
CA LYS D 50 17.05 3.55 21.31
C LYS D 50 16.75 2.22 20.61
N GLY D 51 16.89 2.20 19.28
CA GLY D 51 16.71 0.98 18.47
C GLY D 51 15.28 0.76 18.00
N SER D 52 14.32 1.53 18.51
CA SER D 52 12.90 1.40 18.13
C SER D 52 12.66 2.14 16.81
N CYS D 53 11.52 1.89 16.16
CA CYS D 53 11.23 2.47 14.85
C CYS D 53 10.01 3.41 14.90
N PHE D 54 9.92 4.24 13.88
CA PHE D 54 8.71 5.00 13.54
C PHE D 54 7.85 4.06 12.70
N HIS D 55 6.87 3.44 13.33
CA HIS D 55 6.00 2.41 12.71
C HIS D 55 4.93 3.04 11.81
N ARG D 56 4.65 4.32 11.96
CA ARG D 56 3.50 4.95 11.28
C ARG D 56 3.90 6.35 10.88
N ILE D 57 3.93 6.58 9.59
CA ILE D 57 4.28 7.90 9.02
C ILE D 57 3.23 8.24 7.98
N ILE D 58 2.45 9.27 8.24
CA ILE D 58 1.33 9.67 7.35
C ILE D 58 1.64 11.07 6.91
N PRO D 59 2.12 11.25 5.66
CA PRO D 59 2.44 12.57 5.18
C PRO D 59 1.27 13.54 5.25
N GLY D 60 1.59 14.75 5.68
CA GLY D 60 0.63 15.84 5.88
C GLY D 60 0.00 15.76 7.26
N PHE D 61 0.35 14.78 8.09
CA PHE D 61 -0.23 14.64 9.46
C PHE D 61 0.85 14.46 10.52
N MET D 62 1.48 13.29 10.59
N MET D 62 1.45 13.27 10.64
CA MET D 62 2.42 13.01 11.69
CA MET D 62 2.39 13.01 11.76
C MET D 62 3.28 11.78 11.47
C MET D 62 3.26 11.78 11.49
N CYS D 63 4.30 11.65 12.31
CA CYS D 63 5.21 10.50 12.40
C CYS D 63 5.03 9.90 13.79
N GLN D 64 4.68 8.63 13.90
CA GLN D 64 4.41 7.98 15.20
C GLN D 64 5.45 6.88 15.46
N GLY D 65 5.96 6.83 16.68
CA GLY D 65 6.89 5.76 17.12
C GLY D 65 6.78 5.47 18.59
N GLY D 66 7.82 4.86 19.15
CA GLY D 66 7.98 4.65 20.59
C GLY D 66 7.58 3.26 21.08
N ASP D 67 7.18 2.32 20.22
CA ASP D 67 6.92 0.91 20.64
C ASP D 67 8.24 0.15 20.72
N PHE D 68 8.94 0.26 21.83
CA PHE D 68 10.25 -0.40 21.99
C PHE D 68 10.06 -1.75 22.67
N THR D 69 8.82 -2.17 22.96
CA THR D 69 8.60 -3.47 23.67
C THR D 69 8.15 -4.55 22.69
N ARG D 70 7.28 -4.20 21.75
CA ARG D 70 6.77 -5.15 20.72
C ARG D 70 7.25 -4.79 19.32
N HIS D 71 7.68 -3.55 19.06
CA HIS D 71 8.20 -3.11 17.74
C HIS D 71 7.15 -3.42 16.67
N ASN D 72 5.86 -3.30 16.99
CA ASN D 72 4.81 -3.55 15.96
C ASN D 72 3.69 -2.51 16.03
N GLY D 73 3.83 -1.45 16.81
CA GLY D 73 2.81 -0.40 16.93
C GLY D 73 1.78 -0.68 18.03
N THR D 74 1.87 -1.81 18.73
CA THR D 74 0.86 -2.14 19.76
C THR D 74 1.41 -1.94 21.17
N GLY D 75 2.71 -1.82 21.29
CA GLY D 75 3.38 -1.96 22.60
C GLY D 75 3.90 -0.65 23.14
N GLY D 76 4.90 -0.76 23.98
CA GLY D 76 5.52 0.36 24.69
C GLY D 76 5.05 0.43 26.13
N LYS D 77 5.78 1.17 26.94
CA LYS D 77 5.51 1.28 28.38
C LYS D 77 6.20 2.54 28.86
N SER D 78 5.69 3.07 29.96
CA SER D 78 6.23 4.29 30.60
C SER D 78 7.20 3.87 31.70
N ILE D 79 7.93 4.84 32.21
CA ILE D 79 8.82 4.65 33.37
C ILE D 79 7.98 4.48 34.64
N TYR D 80 6.65 4.63 34.58
CA TYR D 80 5.73 4.54 35.75
C TYR D 80 4.91 3.25 35.72
N GLY D 81 5.23 2.33 34.82
CA GLY D 81 4.42 1.12 34.56
C GLY D 81 3.79 1.15 33.19
N GLU D 82 2.96 0.15 32.93
CA GLU D 82 2.39 -0.06 31.57
C GLU D 82 1.76 1.23 31.07
N LYS D 83 0.99 1.91 31.92
CA LYS D 83 0.25 3.11 31.47
C LYS D 83 0.24 4.16 32.58
N PHE D 84 0.05 5.42 32.20
CA PHE D 84 -0.20 6.53 33.14
C PHE D 84 -1.27 7.48 32.60
N GLU D 85 -1.82 8.26 33.54
CA GLU D 85 -2.98 9.15 33.30
C GLU D 85 -2.58 10.27 32.34
N ASP D 86 -3.57 10.82 31.65
CA ASP D 86 -3.42 12.11 30.93
C ASP D 86 -3.11 13.20 31.93
N GLU D 87 -1.91 13.77 31.86
CA GLU D 87 -1.43 14.73 32.87
C GLU D 87 -2.31 16.01 32.83
N ASN D 88 -2.50 16.56 31.64
CA ASN D 88 -3.39 17.70 31.35
C ASN D 88 -3.39 17.91 29.83
N PHE D 89 -4.29 18.76 29.35
CA PHE D 89 -4.39 19.13 27.93
C PHE D 89 -4.16 20.63 27.78
N ILE D 90 -3.24 21.20 28.56
CA ILE D 90 -3.01 22.67 28.47
C ILE D 90 -2.52 23.01 27.08
N LEU D 91 -1.58 22.22 26.56
CA LEU D 91 -0.90 22.50 25.27
C LEU D 91 -1.70 21.85 24.14
N LYS D 92 -1.76 22.53 23.01
CA LYS D 92 -2.59 22.10 21.88
C LYS D 92 -1.69 21.71 20.70
N HIS D 93 -2.31 21.01 19.78
CA HIS D 93 -1.64 20.57 18.53
C HIS D 93 -1.72 21.74 17.55
N THR D 94 -0.79 22.67 17.63
CA THR D 94 -0.91 24.00 16.97
C THR D 94 -0.26 24.02 15.58
N GLY D 95 0.53 22.99 15.24
CA GLY D 95 1.21 22.96 13.94
C GLY D 95 2.39 22.02 13.95
N PRO D 96 3.21 22.11 12.88
CA PRO D 96 4.30 21.17 12.68
C PRO D 96 5.23 21.22 13.88
N GLY D 97 5.76 20.07 14.28
CA GLY D 97 6.84 19.97 15.27
C GLY D 97 6.31 19.65 16.65
N ILE D 98 4.99 19.75 16.85
CA ILE D 98 4.39 19.39 18.16
C ILE D 98 4.65 17.91 18.45
N LEU D 99 5.03 17.64 19.68
CA LEU D 99 5.31 16.27 20.17
C LEU D 99 4.23 15.94 21.21
N SER D 100 3.58 14.81 21.04
CA SER D 100 2.34 14.48 21.76
C SER D 100 2.30 12.99 22.00
N MET D 101 1.55 12.57 23.03
CA MET D 101 1.45 11.16 23.43
C MET D 101 0.39 10.46 22.56
N ALA D 102 0.76 9.33 22.00
CA ALA D 102 -0.22 8.39 21.40
C ALA D 102 -0.99 7.74 22.54
N ASN D 103 -2.20 7.25 22.28
CA ASN D 103 -2.93 6.50 23.34
C ASN D 103 -4.01 5.62 22.71
N ALA D 104 -4.63 4.83 23.58
CA ALA D 104 -5.75 3.94 23.21
C ALA D 104 -6.97 4.37 24.01
N GLY D 105 -7.13 5.68 24.14
CA GLY D 105 -8.21 6.33 24.90
C GLY D 105 -7.69 6.95 26.18
N PRO D 106 -8.61 7.47 27.01
CA PRO D 106 -8.23 8.18 28.23
C PRO D 106 -7.28 7.37 29.11
N ASN D 107 -6.24 8.05 29.59
CA ASN D 107 -5.32 7.61 30.66
C ASN D 107 -4.65 6.31 30.23
N THR D 108 -4.17 6.25 28.99
CA THR D 108 -3.47 5.02 28.53
C THR D 108 -2.10 5.43 27.98
N ASN D 109 -1.52 6.51 28.50
CA ASN D 109 -0.17 6.92 28.04
C ASN D 109 0.85 5.84 28.39
N GLY D 110 1.75 5.56 27.47
CA GLY D 110 2.84 4.58 27.66
C GLY D 110 4.17 5.18 27.22
N SER D 111 4.66 4.76 26.08
CA SER D 111 5.86 5.34 25.45
C SER D 111 5.54 5.83 24.05
N GLN D 112 4.48 5.34 23.40
CA GLN D 112 4.27 5.75 22.01
C GLN D 112 3.95 7.24 21.98
N PHE D 113 4.49 7.91 20.97
CA PHE D 113 4.37 9.36 20.80
C PHE D 113 4.22 9.64 19.32
N PHE D 114 3.90 10.89 19.02
CA PHE D 114 3.88 11.31 17.61
C PHE D 114 4.40 12.73 17.49
N ILE D 115 4.97 12.99 16.33
CA ILE D 115 5.47 14.32 15.94
C ILE D 115 4.57 14.82 14.85
N CYS D 116 3.87 15.91 15.07
CA CYS D 116 2.97 16.51 14.06
C CYS D 116 3.80 17.11 12.93
N THR D 117 3.35 16.94 11.69
CA THR D 117 3.95 17.64 10.53
C THR D 117 2.96 18.67 9.98
N ALA D 118 1.86 18.89 10.71
CA ALA D 118 0.82 19.88 10.39
C ALA D 118 0.00 20.12 11.65
N LYS D 119 -0.86 21.11 11.63
CA LYS D 119 -1.80 21.31 12.76
C LYS D 119 -2.76 20.13 12.79
N THR D 120 -2.94 19.52 13.96
CA THR D 120 -3.89 18.40 14.13
C THR D 120 -4.84 18.74 15.28
N GLU D 121 -5.60 19.82 15.13
CA GLU D 121 -6.37 20.43 16.25
C GLU D 121 -7.50 19.51 16.74
N TRP D 122 -7.93 18.56 15.93
CA TRP D 122 -8.98 17.60 16.35
C TRP D 122 -8.41 16.65 17.41
N LEU D 123 -7.10 16.63 17.68
CA LEU D 123 -6.52 15.78 18.74
C LEU D 123 -6.45 16.54 20.07
N ASP D 124 -6.76 17.83 20.04
CA ASP D 124 -6.74 18.69 21.25
C ASP D 124 -7.67 18.10 22.30
N GLY D 125 -7.21 18.02 23.57
CA GLY D 125 -8.03 17.48 24.66
C GLY D 125 -8.13 15.98 24.66
N LYS D 126 -7.49 15.29 23.70
CA LYS D 126 -7.49 13.81 23.67
C LYS D 126 -6.08 13.23 23.85
N HIS D 127 -5.09 13.87 23.25
CA HIS D 127 -3.66 13.53 23.33
C HIS D 127 -2.94 14.63 24.11
N VAL D 128 -2.05 14.19 24.98
CA VAL D 128 -1.24 15.11 25.82
C VAL D 128 -0.04 15.59 25.01
N VAL D 129 -0.05 16.88 24.70
CA VAL D 129 1.09 17.58 24.11
C VAL D 129 2.12 17.84 25.19
N PHE D 130 3.37 17.52 24.93
CA PHE D 130 4.40 17.66 25.99
C PHE D 130 5.72 18.17 25.44
N GLY D 131 5.82 18.50 24.16
CA GLY D 131 7.07 19.04 23.64
C GLY D 131 6.97 19.52 22.21
N LYS D 132 8.09 19.94 21.66
CA LYS D 132 8.13 20.45 20.28
C LYS D 132 9.53 20.27 19.74
N VAL D 133 9.60 20.06 18.44
CA VAL D 133 10.88 19.98 17.73
C VAL D 133 11.58 21.34 17.90
N LYS D 134 12.84 21.25 18.29
CA LYS D 134 13.74 22.42 18.46
C LYS D 134 14.63 22.50 17.22
N GLU D 135 15.45 21.50 16.95
CA GLU D 135 16.24 21.44 15.69
C GLU D 135 15.87 20.19 14.91
N GLY D 136 15.99 20.25 13.60
CA GLY D 136 15.83 19.10 12.72
C GLY D 136 14.39 18.89 12.29
N MET D 137 13.57 19.94 12.27
CA MET D 137 12.23 19.82 11.64
C MET D 137 12.40 19.33 10.20
N ASN D 138 13.47 19.71 9.50
CA ASN D 138 13.72 19.22 8.10
C ASN D 138 13.92 17.70 8.10
N ILE D 139 14.40 17.09 9.19
CA ILE D 139 14.58 15.62 9.26
C ILE D 139 13.21 14.95 9.43
N VAL D 140 12.35 15.54 10.25
CA VAL D 140 10.95 15.06 10.39
C VAL D 140 10.25 15.15 9.04
N GLU D 141 10.40 16.27 8.33
CA GLU D 141 9.87 16.43 6.95
C GLU D 141 10.43 15.32 6.06
N ALA D 142 11.72 15.01 6.17
CA ALA D 142 12.36 14.00 5.29
C ALA D 142 11.81 12.62 5.62
N MET D 143 11.40 12.38 6.87
CA MET D 143 10.85 11.08 7.24
C MET D 143 9.56 10.83 6.45
N GLU D 144 8.84 11.89 6.08
CA GLU D 144 7.59 11.76 5.31
C GLU D 144 7.88 11.16 3.93
N ARG D 145 9.14 11.21 3.45
CA ARG D 145 9.50 10.53 2.19
C ARG D 145 9.09 9.05 2.20
N PHE D 146 9.01 8.42 3.36
CA PHE D 146 8.94 6.94 3.50
C PHE D 146 7.60 6.51 4.10
N GLY D 147 6.61 7.39 4.09
CA GLY D 147 5.29 7.13 4.68
C GLY D 147 4.28 6.89 3.59
N SER D 148 3.03 6.81 3.97
CA SER D 148 1.93 6.43 3.08
C SER D 148 0.61 6.88 3.72
N ARG D 149 -0.45 6.81 2.95
CA ARG D 149 -1.82 7.17 3.38
C ARG D 149 -2.18 6.46 4.68
N ASN D 150 -1.91 5.17 4.82
CA ASN D 150 -2.35 4.43 6.01
C ASN D 150 -1.20 4.35 7.04
N GLY D 151 -0.06 4.97 6.72
CA GLY D 151 1.10 5.08 7.63
C GLY D 151 2.15 4.00 7.47
N LYS D 152 1.88 2.91 6.73
CA LYS D 152 2.92 1.85 6.55
C LYS D 152 4.15 2.50 5.94
N THR D 153 5.33 2.22 6.47
CA THR D 153 6.59 2.85 6.01
C THR D 153 7.21 1.98 4.92
N SER D 154 7.81 2.63 3.93
CA SER D 154 8.38 1.95 2.74
C SER D 154 9.86 1.66 2.98
N LYS D 155 10.40 2.20 4.05
CA LYS D 155 11.75 1.83 4.54
C LYS D 155 11.68 1.81 6.05
N LYS D 156 12.62 1.16 6.70
CA LYS D 156 12.67 1.03 8.16
C LYS D 156 13.30 2.31 8.75
N ILE D 157 12.52 3.07 9.53
CA ILE D 157 12.94 4.38 10.10
C ILE D 157 13.19 4.16 11.58
N THR D 158 14.44 4.25 12.00
CA THR D 158 14.84 3.85 13.37
C THR D 158 15.39 5.04 14.14
N ILE D 159 15.27 4.94 15.45
CA ILE D 159 15.98 5.88 16.36
C ILE D 159 17.31 5.23 16.66
N ALA D 160 18.33 5.48 15.84
CA ALA D 160 19.60 4.73 15.94
C ALA D 160 20.30 5.07 17.27
N ASP D 161 20.09 6.30 17.72
CA ASP D 161 20.65 6.77 19.02
C ASP D 161 19.71 7.83 19.55
N CYS D 162 19.77 8.05 20.84
CA CYS D 162 18.98 9.11 21.47
C CYS D 162 19.57 9.42 22.84
N GLY D 163 19.28 10.60 23.34
CA GLY D 163 19.82 11.02 24.63
C GLY D 163 19.33 12.39 24.99
N GLN D 164 19.91 12.97 26.05
CA GLN D 164 19.57 14.32 26.53
C GLN D 164 20.69 15.27 26.14
N LEU D 165 20.38 16.48 25.69
CA LEU D 165 21.40 17.54 25.36
C LEU D 165 21.51 18.54 26.51
N GLU D 166 20.41 18.82 27.21
CA GLU D 166 20.35 19.86 28.26
C GLU D 166 19.27 19.46 29.28
#